data_3KTR
# 
_entry.id   3KTR 
# 
_audit_conform.dict_name       mmcif_pdbx.dic 
_audit_conform.dict_version    5.378 
_audit_conform.dict_location   http://mmcif.pdb.org/dictionaries/ascii/mmcif_pdbx.dic 
# 
loop_
_database_2.database_id 
_database_2.database_code 
_database_2.pdbx_database_accession 
_database_2.pdbx_DOI 
PDB   3KTR         pdb_00003ktr 10.2210/pdb3ktr/pdb 
RCSB  RCSB056436   ?            ?                   
WWPDB D_1000056436 ?            ?                   
# 
_pdbx_database_related.db_name        PDB 
_pdbx_database_related.db_id          3KTP 
_pdbx_database_related.details        . 
_pdbx_database_related.content_type   unspecified 
# 
_pdbx_database_status.status_code                     REL 
_pdbx_database_status.entry_id                        3KTR 
_pdbx_database_status.recvd_initial_deposition_date   2009-11-25 
_pdbx_database_status.deposit_site                    RCSB 
_pdbx_database_status.process_site                    RCSB 
_pdbx_database_status.status_code_sf                  REL 
_pdbx_database_status.status_code_mr                  ? 
_pdbx_database_status.SG_entry                        ? 
_pdbx_database_status.pdb_format_compatible           Y 
_pdbx_database_status.status_code_cs                  ? 
_pdbx_database_status.status_code_nmr_data            ? 
_pdbx_database_status.methods_development_category    ? 
# 
loop_
_audit_author.name 
_audit_author.pdbx_ordinal 
'Kozlov, G.'  1 
'Gehring, K.' 2 
# 
_citation.id                        primary 
_citation.title                     
'Structural basis of binding of P-body-associated proteins GW182 and ataxin-2 by the Mlle domain of poly(A)-binding protein.' 
_citation.journal_abbrev            J.Biol.Chem. 
_citation.journal_volume            285 
_citation.page_first                13599 
_citation.page_last                 13606 
_citation.year                      2010 
_citation.journal_id_ASTM           JBCHA3 
_citation.country                   US 
_citation.journal_id_ISSN           0021-9258 
_citation.journal_id_CSD            0071 
_citation.book_publisher            ? 
_citation.pdbx_database_id_PubMed   20181956 
_citation.pdbx_database_id_DOI      10.1074/jbc.M109.089540 
# 
loop_
_citation_author.citation_id 
_citation_author.name 
_citation_author.ordinal 
_citation_author.identifier_ORCID 
primary 'Kozlov, G.'    1 ? 
primary 'Safaee, N.'    2 ? 
primary 'Rosenauer, A.' 3 ? 
primary 'Gehring, K.'   4 ? 
# 
_cell.entry_id           3KTR 
_cell.length_a           39.093 
_cell.length_b           60.745 
_cell.length_c           31.520 
_cell.angle_alpha        90.00 
_cell.angle_beta         90.00 
_cell.angle_gamma        90.00 
_cell.Z_PDB              4 
_cell.pdbx_unique_axis   ? 
_cell.length_a_esd       ? 
_cell.length_b_esd       ? 
_cell.length_c_esd       ? 
_cell.angle_alpha_esd    ? 
_cell.angle_beta_esd     ? 
_cell.angle_gamma_esd    ? 
# 
_symmetry.entry_id                         3KTR 
_symmetry.space_group_name_H-M             'P 21 21 2' 
_symmetry.pdbx_full_space_group_name_H-M   ? 
_symmetry.cell_setting                     ? 
_symmetry.Int_Tables_number                18 
_symmetry.space_group_name_Hall            ? 
# 
loop_
_entity.id 
_entity.type 
_entity.src_method 
_entity.pdbx_description 
_entity.formula_weight 
_entity.pdbx_number_of_molecules 
_entity.pdbx_ec 
_entity.pdbx_mutation 
_entity.pdbx_fragment 
_entity.details 
1 polymer     man 'Polyadenylate-binding protein 1' 9421.909 1  ? ? 'C-terminal domain'       ? 
2 polymer     syn Ataxin-2                          1939.090 1  ? ? 'PABPC1-binding fragment' ? 
3 non-polymer syn 'CADMIUM ION'                     112.411  1  ? ? ?                         ? 
4 non-polymer syn 'SULFATE ION'                     96.063   2  ? ? ?                         ? 
5 water       nat water                             18.015   26 ? ? ?                         ? 
# 
loop_
_entity_name_com.entity_id 
_entity_name_com.name 
1 'Poly(A)-binding protein 1, PABP 1'                                                      
2 'Spinocerebellar ataxia type 2 protein, Trinucleotide repeat-containing gene 13 protein' 
# 
loop_
_entity_poly.entity_id 
_entity_poly.type 
_entity_poly.nstd_linkage 
_entity_poly.nstd_monomer 
_entity_poly.pdbx_seq_one_letter_code 
_entity_poly.pdbx_seq_one_letter_code_can 
_entity_poly.pdbx_strand_id 
_entity_poly.pdbx_target_identifier 
1 'polypeptide(L)' no no 
;GPLGSPLTASMLASAPPQEQKQMLGERLFPLIQAMHPTLAGKITGMLLEIDNSELLHMLESPESLRSKVDEAVAVLQAHQ
AKEAAQKA
;
;GPLGSPLTASMLASAPPQEQKQMLGERLFPLIQAMHPTLAGKITGMLLEIDNSELLHMLESPESLRSKVDEAVAVLQAHQ
AKEAAQKA
;
A ? 
2 'polypeptide(L)' no no STLNPNAKEFNPRSFSQ                                                                           
STLNPNAKEFNPRSFSQ                                                                           B ? 
# 
loop_
_entity_poly_seq.entity_id 
_entity_poly_seq.num 
_entity_poly_seq.mon_id 
_entity_poly_seq.hetero 
1 1  GLY n 
1 2  PRO n 
1 3  LEU n 
1 4  GLY n 
1 5  SER n 
1 6  PRO n 
1 7  LEU n 
1 8  THR n 
1 9  ALA n 
1 10 SER n 
1 11 MET n 
1 12 LEU n 
1 13 ALA n 
1 14 SER n 
1 15 ALA n 
1 16 PRO n 
1 17 PRO n 
1 18 GLN n 
1 19 GLU n 
1 20 GLN n 
1 21 LYS n 
1 22 GLN n 
1 23 MET n 
1 24 LEU n 
1 25 GLY n 
1 26 GLU n 
1 27 ARG n 
1 28 LEU n 
1 29 PHE n 
1 30 PRO n 
1 31 LEU n 
1 32 ILE n 
1 33 GLN n 
1 34 ALA n 
1 35 MET n 
1 36 HIS n 
1 37 PRO n 
1 38 THR n 
1 39 LEU n 
1 40 ALA n 
1 41 GLY n 
1 42 LYS n 
1 43 ILE n 
1 44 THR n 
1 45 GLY n 
1 46 MET n 
1 47 LEU n 
1 48 LEU n 
1 49 GLU n 
1 50 ILE n 
1 51 ASP n 
1 52 ASN n 
1 53 SER n 
1 54 GLU n 
1 55 LEU n 
1 56 LEU n 
1 57 HIS n 
1 58 MET n 
1 59 LEU n 
1 60 GLU n 
1 61 SER n 
1 62 PRO n 
1 63 GLU n 
1 64 SER n 
1 65 LEU n 
1 66 ARG n 
1 67 SER n 
1 68 LYS n 
1 69 VAL n 
1 70 ASP n 
1 71 GLU n 
1 72 ALA n 
1 73 VAL n 
1 74 ALA n 
1 75 VAL n 
1 76 LEU n 
1 77 GLN n 
1 78 ALA n 
1 79 HIS n 
1 80 GLN n 
1 81 ALA n 
1 82 LYS n 
1 83 GLU n 
1 84 ALA n 
1 85 ALA n 
1 86 GLN n 
1 87 LYS n 
1 88 ALA n 
2 1  SER n 
2 2  THR n 
2 3  LEU n 
2 4  ASN n 
2 5  PRO n 
2 6  ASN n 
2 7  ALA n 
2 8  LYS n 
2 9  GLU n 
2 10 PHE n 
2 11 ASN n 
2 12 PRO n 
2 13 ARG n 
2 14 SER n 
2 15 PHE n 
2 16 SER n 
2 17 GLN n 
# 
_entity_src_gen.entity_id                          1 
_entity_src_gen.pdbx_src_id                        1 
_entity_src_gen.pdbx_alt_source_flag               sample 
_entity_src_gen.pdbx_seq_type                      ? 
_entity_src_gen.pdbx_beg_seq_num                   ? 
_entity_src_gen.pdbx_end_seq_num                   ? 
_entity_src_gen.gene_src_common_name               human 
_entity_src_gen.gene_src_genus                     ? 
_entity_src_gen.pdbx_gene_src_gene                 'PABPC1, PAB1, PABP1, PABPC2' 
_entity_src_gen.gene_src_species                   ? 
_entity_src_gen.gene_src_strain                    ? 
_entity_src_gen.gene_src_tissue                    ? 
_entity_src_gen.gene_src_tissue_fraction           ? 
_entity_src_gen.gene_src_details                   ? 
_entity_src_gen.pdbx_gene_src_fragment             ? 
_entity_src_gen.pdbx_gene_src_scientific_name      'Homo sapiens' 
_entity_src_gen.pdbx_gene_src_ncbi_taxonomy_id     9606 
_entity_src_gen.pdbx_gene_src_variant              ? 
_entity_src_gen.pdbx_gene_src_cell_line            ? 
_entity_src_gen.pdbx_gene_src_atcc                 ? 
_entity_src_gen.pdbx_gene_src_organ                ? 
_entity_src_gen.pdbx_gene_src_organelle            ? 
_entity_src_gen.pdbx_gene_src_cell                 ? 
_entity_src_gen.pdbx_gene_src_cellular_location    ? 
_entity_src_gen.host_org_common_name               ? 
_entity_src_gen.pdbx_host_org_scientific_name      'Escherichia coli' 
_entity_src_gen.pdbx_host_org_ncbi_taxonomy_id     562 
_entity_src_gen.host_org_genus                     ? 
_entity_src_gen.pdbx_host_org_gene                 ? 
_entity_src_gen.pdbx_host_org_organ                ? 
_entity_src_gen.host_org_species                   ? 
_entity_src_gen.pdbx_host_org_tissue               ? 
_entity_src_gen.pdbx_host_org_tissue_fraction      ? 
_entity_src_gen.pdbx_host_org_strain               BL21 
_entity_src_gen.pdbx_host_org_variant              ? 
_entity_src_gen.pdbx_host_org_cell_line            ? 
_entity_src_gen.pdbx_host_org_atcc                 ? 
_entity_src_gen.pdbx_host_org_culture_collection   ? 
_entity_src_gen.pdbx_host_org_cell                 ? 
_entity_src_gen.pdbx_host_org_organelle            ? 
_entity_src_gen.pdbx_host_org_cellular_location    ? 
_entity_src_gen.pdbx_host_org_vector_type          plasmid 
_entity_src_gen.pdbx_host_org_vector               ? 
_entity_src_gen.host_org_details                   ? 
_entity_src_gen.expression_system_id               ? 
_entity_src_gen.plasmid_name                       pGEX-6P-1 
_entity_src_gen.plasmid_details                    ? 
_entity_src_gen.pdbx_description                   ? 
# 
_pdbx_entity_src_syn.entity_id              2 
_pdbx_entity_src_syn.pdbx_src_id            1 
_pdbx_entity_src_syn.pdbx_alt_source_flag   sample 
_pdbx_entity_src_syn.pdbx_beg_seq_num       ? 
_pdbx_entity_src_syn.pdbx_end_seq_num       ? 
_pdbx_entity_src_syn.organism_scientific    'Homo sapiens' 
_pdbx_entity_src_syn.organism_common_name   human 
_pdbx_entity_src_syn.ncbi_taxonomy_id       9606 
_pdbx_entity_src_syn.details                'chemically synthesized' 
# 
loop_
_struct_ref.id 
_struct_ref.db_name 
_struct_ref.db_code 
_struct_ref.pdbx_db_accession 
_struct_ref.entity_id 
_struct_ref.pdbx_seq_one_letter_code 
_struct_ref.pdbx_align_begin 
_struct_ref.pdbx_db_isoform 
1 UNP PABP1_HUMAN P11940 1 
;PLTASMLASAPPQEQKQMLGERLFPLIQAMHPTLAGKITGMLLEIDNSELLHMLESPESLRSKVDEAVAVLQAHQAKEAA
QKA
;
544 ? 
2 UNP ATX2_HUMAN  Q99700 2 STLNPNAKEFNPRSFSQ                                                                      912 ? 
# 
loop_
_struct_ref_seq.align_id 
_struct_ref_seq.ref_id 
_struct_ref_seq.pdbx_PDB_id_code 
_struct_ref_seq.pdbx_strand_id 
_struct_ref_seq.seq_align_beg 
_struct_ref_seq.pdbx_seq_align_beg_ins_code 
_struct_ref_seq.seq_align_end 
_struct_ref_seq.pdbx_seq_align_end_ins_code 
_struct_ref_seq.pdbx_db_accession 
_struct_ref_seq.db_align_beg 
_struct_ref_seq.pdbx_db_align_beg_ins_code 
_struct_ref_seq.db_align_end 
_struct_ref_seq.pdbx_db_align_end_ins_code 
_struct_ref_seq.pdbx_auth_seq_align_beg 
_struct_ref_seq.pdbx_auth_seq_align_end 
1 1 3KTR A 6 ? 88 ? P11940 544 ? 626 ? 544 626 
2 2 3KTR B 1 ? 17 ? Q99700 912 ? 928 ? 912 928 
# 
loop_
_struct_ref_seq_dif.align_id 
_struct_ref_seq_dif.pdbx_pdb_id_code 
_struct_ref_seq_dif.mon_id 
_struct_ref_seq_dif.pdbx_pdb_strand_id 
_struct_ref_seq_dif.seq_num 
_struct_ref_seq_dif.pdbx_pdb_ins_code 
_struct_ref_seq_dif.pdbx_seq_db_name 
_struct_ref_seq_dif.pdbx_seq_db_accession_code 
_struct_ref_seq_dif.db_mon_id 
_struct_ref_seq_dif.pdbx_seq_db_seq_num 
_struct_ref_seq_dif.details 
_struct_ref_seq_dif.pdbx_auth_seq_num 
_struct_ref_seq_dif.pdbx_ordinal 
1 3KTR GLY A 1 ? UNP P11940 ? ? 'expression tag' 539 1 
1 3KTR PRO A 2 ? UNP P11940 ? ? 'expression tag' 540 2 
1 3KTR LEU A 3 ? UNP P11940 ? ? 'expression tag' 541 3 
1 3KTR GLY A 4 ? UNP P11940 ? ? 'expression tag' 542 4 
1 3KTR SER A 5 ? UNP P11940 ? ? 'expression tag' 543 5 
# 
loop_
_chem_comp.id 
_chem_comp.type 
_chem_comp.mon_nstd_flag 
_chem_comp.name 
_chem_comp.pdbx_synonyms 
_chem_comp.formula 
_chem_comp.formula_weight 
ALA 'L-peptide linking' y ALANINE         ? 'C3 H7 N O2'     89.093  
ARG 'L-peptide linking' y ARGININE        ? 'C6 H15 N4 O2 1' 175.209 
ASN 'L-peptide linking' y ASPARAGINE      ? 'C4 H8 N2 O3'    132.118 
ASP 'L-peptide linking' y 'ASPARTIC ACID' ? 'C4 H7 N O4'     133.103 
CD  non-polymer         . 'CADMIUM ION'   ? 'Cd 2'           112.411 
GLN 'L-peptide linking' y GLUTAMINE       ? 'C5 H10 N2 O3'   146.144 
GLU 'L-peptide linking' y 'GLUTAMIC ACID' ? 'C5 H9 N O4'     147.129 
GLY 'peptide linking'   y GLYCINE         ? 'C2 H5 N O2'     75.067  
HIS 'L-peptide linking' y HISTIDINE       ? 'C6 H10 N3 O2 1' 156.162 
HOH non-polymer         . WATER           ? 'H2 O'           18.015  
ILE 'L-peptide linking' y ISOLEUCINE      ? 'C6 H13 N O2'    131.173 
LEU 'L-peptide linking' y LEUCINE         ? 'C6 H13 N O2'    131.173 
LYS 'L-peptide linking' y LYSINE          ? 'C6 H15 N2 O2 1' 147.195 
MET 'L-peptide linking' y METHIONINE      ? 'C5 H11 N O2 S'  149.211 
PHE 'L-peptide linking' y PHENYLALANINE   ? 'C9 H11 N O2'    165.189 
PRO 'L-peptide linking' y PROLINE         ? 'C5 H9 N O2'     115.130 
SER 'L-peptide linking' y SERINE          ? 'C3 H7 N O3'     105.093 
SO4 non-polymer         . 'SULFATE ION'   ? 'O4 S -2'        96.063  
THR 'L-peptide linking' y THREONINE       ? 'C4 H9 N O3'     119.119 
VAL 'L-peptide linking' y VALINE          ? 'C5 H11 N O2'    117.146 
# 
_exptl.entry_id          3KTR 
_exptl.method            'X-RAY DIFFRACTION' 
_exptl.crystals_number   1 
# 
_exptl_crystal.id                    1 
_exptl_crystal.density_meas          ? 
_exptl_crystal.density_Matthews      1.65 
_exptl_crystal.density_percent_sol   25.32 
_exptl_crystal.description           ? 
_exptl_crystal.F_000                 ? 
_exptl_crystal.preparation           ? 
# 
_exptl_crystal_grow.crystal_id      1 
_exptl_crystal_grow.method          'VAPOR DIFFUSION, HANGING DROP' 
_exptl_crystal_grow.temp            295 
_exptl_crystal_grow.temp_details    ? 
_exptl_crystal_grow.pH              6.3 
_exptl_crystal_grow.pdbx_details    '2.2 M ammonium sulfate, 0.2 M CdCl2, pH 6.3, VAPOR DIFFUSION, HANGING DROP, temperature 295K' 
_exptl_crystal_grow.pdbx_pH_range   ? 
# 
_diffrn.id                     1 
_diffrn.ambient_temp           100 
_diffrn.ambient_temp_details   ? 
_diffrn.crystal_id             1 
# 
_diffrn_detector.diffrn_id              1 
_diffrn_detector.detector               CCD 
_diffrn_detector.type                   'ADSC QUANTUM 210' 
_diffrn_detector.pdbx_collection_date   2008-11-30 
_diffrn_detector.details                mirrors 
# 
_diffrn_radiation.diffrn_id                        1 
_diffrn_radiation.wavelength_id                    1 
_diffrn_radiation.pdbx_monochromatic_or_laue_m_l   M 
_diffrn_radiation.monochromator                    'Si 111 CHANNEL' 
_diffrn_radiation.pdbx_diffrn_protocol             'SINGLE WAVELENGTH' 
_diffrn_radiation.pdbx_scattering_type             x-ray 
# 
_diffrn_radiation_wavelength.id           1 
_diffrn_radiation_wavelength.wavelength   0.9950 
_diffrn_radiation_wavelength.wt           1.0 
# 
_diffrn_source.diffrn_id                   1 
_diffrn_source.source                      SYNCHROTRON 
_diffrn_source.type                        'CHESS BEAMLINE F2' 
_diffrn_source.pdbx_synchrotron_site       CHESS 
_diffrn_source.pdbx_synchrotron_beamline   F2 
_diffrn_source.pdbx_wavelength             ? 
_diffrn_source.pdbx_wavelength_list        0.9950 
# 
_reflns.entry_id                     3KTR 
_reflns.observed_criterion_sigma_I   1 
_reflns.observed_criterion_sigma_F   1 
_reflns.d_resolution_low             50 
_reflns.d_resolution_high            1.70 
_reflns.number_obs                   8039 
_reflns.number_all                   8296 
_reflns.percent_possible_obs         96.9 
_reflns.pdbx_Rmerge_I_obs            0.056 
_reflns.pdbx_Rsym_value              ? 
_reflns.pdbx_netI_over_sigmaI        23.1 
_reflns.B_iso_Wilson_estimate        ? 
_reflns.pdbx_redundancy              5.6 
_reflns.R_free_details               ? 
_reflns.limit_h_max                  ? 
_reflns.limit_h_min                  ? 
_reflns.limit_k_max                  ? 
_reflns.limit_k_min                  ? 
_reflns.limit_l_max                  ? 
_reflns.limit_l_min                  ? 
_reflns.observed_criterion_F_max     ? 
_reflns.observed_criterion_F_min     ? 
_reflns.pdbx_chi_squared             ? 
_reflns.pdbx_scaling_rejects         ? 
_reflns.pdbx_diffrn_id               1 
_reflns.pdbx_ordinal                 1 
# 
_reflns_shell.d_res_high             1.70 
_reflns_shell.d_res_low              1.73 
_reflns_shell.percent_possible_all   94.0 
_reflns_shell.Rmerge_I_obs           0.247 
_reflns_shell.pdbx_Rsym_value        ? 
_reflns_shell.meanI_over_sigI_obs    7.4 
_reflns_shell.pdbx_redundancy        4.8 
_reflns_shell.percent_possible_obs   ? 
_reflns_shell.number_unique_all      555 
_reflns_shell.number_measured_all    ? 
_reflns_shell.number_measured_obs    ? 
_reflns_shell.number_unique_obs      ? 
_reflns_shell.pdbx_chi_squared       ? 
_reflns_shell.pdbx_diffrn_id         ? 
_reflns_shell.pdbx_ordinal           1 
# 
_refine.entry_id                                 3KTR 
_refine.ls_number_reflns_obs                     8039 
_refine.ls_number_reflns_all                     8296 
_refine.pdbx_ls_sigma_I                          ? 
_refine.pdbx_ls_sigma_F                          ? 
_refine.pdbx_data_cutoff_high_absF               ? 
_refine.pdbx_data_cutoff_low_absF                ? 
_refine.pdbx_data_cutoff_high_rms_absF           ? 
_refine.ls_d_res_low                             32.88 
_refine.ls_d_res_high                            1.70 
_refine.ls_percent_reflns_obs                    96.91 
_refine.ls_R_factor_obs                          0.213 
_refine.ls_R_factor_all                          0.213 
_refine.ls_R_factor_R_work                       0.21237 
_refine.ls_R_factor_R_free                       0.24508 
_refine.ls_R_factor_R_free_error                 ? 
_refine.ls_R_factor_R_free_error_details         ? 
_refine.ls_percent_reflns_R_free                 4.7 
_refine.ls_number_reflns_R_free                  393 
_refine.ls_number_parameters                     ? 
_refine.ls_number_restraints                     ? 
_refine.occupancy_min                            ? 
_refine.occupancy_max                            ? 
_refine.correlation_coeff_Fo_to_Fc               0.944 
_refine.correlation_coeff_Fo_to_Fc_free          0.936 
_refine.B_iso_mean                               25.196 
_refine.aniso_B[1][1]                            2.94 
_refine.aniso_B[2][2]                            -1.82 
_refine.aniso_B[3][3]                            -1.12 
_refine.aniso_B[1][2]                            0.00 
_refine.aniso_B[1][3]                            0.00 
_refine.aniso_B[2][3]                            0.00 
_refine.solvent_model_details                    MASK 
_refine.solvent_model_param_ksol                 ? 
_refine.solvent_model_param_bsol                 ? 
_refine.pdbx_solvent_vdw_probe_radii             1.20 
_refine.pdbx_solvent_ion_probe_radii             0.80 
_refine.pdbx_solvent_shrinkage_radii             0.80 
_refine.pdbx_ls_cross_valid_method               THROUGHOUT 
_refine.details                                  ? 
_refine.pdbx_starting_model                      'pdb entry 1I2T' 
_refine.pdbx_method_to_determine_struct          'MOLECULAR REPLACEMENT' 
_refine.pdbx_isotropic_thermal_model             ? 
_refine.pdbx_stereochemistry_target_values       'MAXIMUM LIKELIHOOD' 
_refine.pdbx_stereochem_target_val_spec_case     ? 
_refine.pdbx_R_Free_selection_details            RANDOM 
_refine.pdbx_overall_ESU_R                       0.149 
_refine.pdbx_overall_ESU_R_Free                  0.134 
_refine.overall_SU_ML                            0.076 
_refine.overall_SU_B                             4.436 
_refine.ls_redundancy_reflns_obs                 ? 
_refine.B_iso_min                                ? 
_refine.B_iso_max                                ? 
_refine.overall_SU_R_Cruickshank_DPI             ? 
_refine.overall_SU_R_free                        ? 
_refine.ls_wR_factor_R_free                      ? 
_refine.ls_wR_factor_R_work                      ? 
_refine.overall_FOM_free_R_set                   ? 
_refine.overall_FOM_work_R_set                   ? 
_refine.pdbx_overall_phase_error                 ? 
_refine.pdbx_refine_id                           'X-RAY DIFFRACTION' 
_refine.pdbx_TLS_residual_ADP_flag               UNVERIFIED 
_refine.pdbx_diffrn_id                           1 
_refine.pdbx_overall_SU_R_free_Cruickshank_DPI   ? 
_refine.pdbx_overall_SU_R_Blow_DPI               ? 
_refine.pdbx_overall_SU_R_free_Blow_DPI          ? 
# 
_refine_hist.pdbx_refine_id                   'X-RAY DIFFRACTION' 
_refine_hist.cycle_id                         LAST 
_refine_hist.pdbx_number_atoms_protein        741 
_refine_hist.pdbx_number_atoms_nucleic_acid   0 
_refine_hist.pdbx_number_atoms_ligand         11 
_refine_hist.number_atoms_solvent             26 
_refine_hist.number_atoms_total               778 
_refine_hist.d_res_high                       1.70 
_refine_hist.d_res_low                        32.88 
# 
loop_
_refine_ls_restr.type 
_refine_ls_restr.dev_ideal 
_refine_ls_restr.dev_ideal_target 
_refine_ls_restr.weight 
_refine_ls_restr.number 
_refine_ls_restr.pdbx_refine_id 
_refine_ls_restr.pdbx_restraint_function 
r_bond_refined_d         0.012  0.022  ? 771  'X-RAY DIFFRACTION' ? 
r_angle_refined_deg      1.277  2.016  ? 1047 'X-RAY DIFFRACTION' ? 
r_dihedral_angle_1_deg   4.870  5.000  ? 99   'X-RAY DIFFRACTION' ? 
r_dihedral_angle_2_deg   31.727 26.129 ? 31   'X-RAY DIFFRACTION' ? 
r_dihedral_angle_3_deg   14.612 15.000 ? 141  'X-RAY DIFFRACTION' ? 
r_dihedral_angle_4_deg   11.016 15.000 ? 3    'X-RAY DIFFRACTION' ? 
r_chiral_restr           0.082  0.200  ? 121  'X-RAY DIFFRACTION' ? 
r_gen_planes_refined     0.005  0.020  ? 566  'X-RAY DIFFRACTION' ? 
r_nbd_refined            0.210  0.200  ? 376  'X-RAY DIFFRACTION' ? 
r_nbtor_refined          0.305  0.200  ? 529  'X-RAY DIFFRACTION' ? 
r_xyhbond_nbd_refined    0.139  0.200  ? 18   'X-RAY DIFFRACTION' ? 
r_symmetry_vdw_refined   0.233  0.200  ? 52   'X-RAY DIFFRACTION' ? 
r_symmetry_hbond_refined 0.269  0.200  ? 6    'X-RAY DIFFRACTION' ? 
r_mcbond_it              1.008  1.500  ? 506  'X-RAY DIFFRACTION' ? 
r_mcangle_it             1.465  2.000  ? 797  'X-RAY DIFFRACTION' ? 
r_scbond_it              2.408  3.000  ? 279  'X-RAY DIFFRACTION' ? 
r_scangle_it             3.826  4.500  ? 248  'X-RAY DIFFRACTION' ? 
# 
_refine_ls_shell.pdbx_total_number_of_bins_used   20 
_refine_ls_shell.d_res_high                       1.70 
_refine_ls_shell.d_res_low                        1.746 
_refine_ls_shell.number_reflns_R_work             555 
_refine_ls_shell.R_factor_R_work                  0.237 
_refine_ls_shell.percent_reflns_obs               93.64 
_refine_ls_shell.R_factor_R_free                  0.211 
_refine_ls_shell.R_factor_R_free_error            ? 
_refine_ls_shell.percent_reflns_R_free            ? 
_refine_ls_shell.number_reflns_R_free             34 
_refine_ls_shell.number_reflns_all                ? 
_refine_ls_shell.R_factor_all                     ? 
_refine_ls_shell.number_reflns_obs                ? 
_refine_ls_shell.redundancy_reflns_obs            ? 
_refine_ls_shell.pdbx_refine_id                   'X-RAY DIFFRACTION' 
# 
_struct.entry_id                  3KTR 
_struct.title                     'Structural basis of ataxin-2 recognition by poly(A)-binding protein' 
_struct.pdbx_model_details        ? 
_struct.pdbx_CASP_flag            N 
_struct.pdbx_model_type_details   ? 
# 
_struct_keywords.entry_id        3KTR 
_struct_keywords.pdbx_keywords   'PROTEIN BINDING' 
_struct_keywords.text            
;protein-protein complex, Acetylation, Alternative splicing, Cytoplasm, Methylation, mRNA processing, mRNA splicing, Nucleus, Phosphoprotein, RNA-binding, Spliceosome, Neurodegeneration, Parkinsonism, Polymorphism, Spinocerebellar ataxia, Triplet repeat expansion, PROTEIN BINDING
;
# 
loop_
_struct_asym.id 
_struct_asym.pdbx_blank_PDB_chainid_flag 
_struct_asym.pdbx_modified 
_struct_asym.entity_id 
_struct_asym.details 
A N N 1 ? 
B N N 2 ? 
C N N 3 ? 
D N N 4 ? 
E N N 4 ? 
F N N 5 ? 
G N N 5 ? 
# 
_struct_biol.id        1 
_struct_biol.details   ? 
# 
loop_
_struct_conf.conf_type_id 
_struct_conf.id 
_struct_conf.pdbx_PDB_helix_id 
_struct_conf.beg_label_comp_id 
_struct_conf.beg_label_asym_id 
_struct_conf.beg_label_seq_id 
_struct_conf.pdbx_beg_PDB_ins_code 
_struct_conf.end_label_comp_id 
_struct_conf.end_label_asym_id 
_struct_conf.end_label_seq_id 
_struct_conf.pdbx_end_PDB_ins_code 
_struct_conf.beg_auth_comp_id 
_struct_conf.beg_auth_asym_id 
_struct_conf.beg_auth_seq_id 
_struct_conf.end_auth_comp_id 
_struct_conf.end_auth_asym_id 
_struct_conf.end_auth_seq_id 
_struct_conf.pdbx_PDB_helix_class 
_struct_conf.details 
_struct_conf.pdbx_PDB_helix_length 
HELX_P HELX_P1 1 THR A 8  ? SER A 14 ? THR A 546 SER A 552 1 ? 7  
HELX_P HELX_P2 2 PRO A 16 ? HIS A 36 ? PRO A 554 HIS A 574 1 ? 21 
HELX_P HELX_P3 3 LEU A 39 ? LEU A 48 ? LEU A 577 LEU A 586 1 ? 10 
HELX_P HELX_P4 4 ASP A 51 ? SER A 61 ? ASP A 589 SER A 599 1 ? 11 
HELX_P HELX_P5 5 SER A 61 ? ALA A 85 ? SER A 599 ALA A 623 1 ? 25 
# 
_struct_conf_type.id          HELX_P 
_struct_conf_type.criteria    ? 
_struct_conf_type.reference   ? 
# 
loop_
_struct_site.id 
_struct_site.pdbx_evidence_code 
_struct_site.pdbx_auth_asym_id 
_struct_site.pdbx_auth_comp_id 
_struct_site.pdbx_auth_seq_id 
_struct_site.pdbx_auth_ins_code 
_struct_site.pdbx_num_residues 
_struct_site.details 
AC1 Software A CD  1   ? 5 'BINDING SITE FOR RESIDUE CD A 1'    
AC2 Software A SO4 627 ? 6 'BINDING SITE FOR RESIDUE SO4 A 627' 
AC3 Software A SO4 2   ? 7 'BINDING SITE FOR RESIDUE SO4 A 2'   
# 
loop_
_struct_site_gen.id 
_struct_site_gen.site_id 
_struct_site_gen.pdbx_num_res 
_struct_site_gen.label_comp_id 
_struct_site_gen.label_asym_id 
_struct_site_gen.label_seq_id 
_struct_site_gen.pdbx_auth_ins_code 
_struct_site_gen.auth_comp_id 
_struct_site_gen.auth_asym_id 
_struct_site_gen.auth_seq_id 
_struct_site_gen.label_atom_id 
_struct_site_gen.label_alt_id 
_struct_site_gen.symmetry 
_struct_site_gen.details 
1  AC1 5 GLU A 60 ? GLU A 598 . ? 1_555 ? 
2  AC1 5 HIS A 79 ? HIS A 617 . ? 3_445 ? 
3  AC1 5 GLU A 83 ? GLU A 621 . ? 3_445 ? 
4  AC1 5 HOH G .  ? HOH B 30  . ? 3_445 ? 
5  AC1 5 ASN B 6  ? ASN B 917 . ? 3_445 ? 
6  AC2 6 GLU A 19 ? GLU A 557 . ? 1_556 ? 
7  AC2 6 HIS A 79 ? HIS A 617 . ? 1_555 ? 
8  AC2 6 LYS A 82 ? LYS A 620 . ? 1_555 ? 
9  AC2 6 SER B 14 ? SER B 925 . ? 4_555 ? 
10 AC2 6 PHE B 15 ? PHE B 926 . ? 4_555 ? 
11 AC2 6 SER B 16 ? SER B 927 . ? 4_555 ? 
12 AC3 7 HIS A 36 ? HIS A 574 . ? 1_555 ? 
13 AC3 7 PRO A 37 ? PRO A 575 . ? 1_555 ? 
14 AC3 7 THR A 38 ? THR A 576 . ? 1_555 ? 
15 AC3 7 LEU A 39 ? LEU A 577 . ? 1_555 ? 
16 AC3 7 GLU A 63 ? GLU A 601 . ? 2_455 ? 
17 AC3 7 ARG A 66 ? ARG A 604 . ? 2_455 ? 
18 AC3 7 LYS B 8  ? LYS B 919 . ? 4_455 ? 
# 
_atom_sites.entry_id                    3KTR 
_atom_sites.fract_transf_matrix[1][1]   -0.00825582 
_atom_sites.fract_transf_matrix[1][2]   -0.00560136 
_atom_sites.fract_transf_matrix[1][3]   0.02355425 
_atom_sites.fract_transf_matrix[2][1]   -0.01359025 
_atom_sites.fract_transf_matrix[2][2]   -0.00676093 
_atom_sites.fract_transf_matrix[2][3]   -0.00637121 
_atom_sites.fract_transf_matrix[3][1]   0.01468671 
_atom_sites.fract_transf_matrix[3][2]   -0.02808022 
_atom_sites.fract_transf_matrix[3][3]   -0.00152994 
_atom_sites.fract_transf_vector[1]      -0.280257 
_atom_sites.fract_transf_vector[2]      0.133308 
_atom_sites.fract_transf_vector[3]      -0.119812 
# 
loop_
_atom_type.symbol 
C  
CD 
N  
O  
S  
# 
loop_
_atom_site.group_PDB 
_atom_site.id 
_atom_site.type_symbol 
_atom_site.label_atom_id 
_atom_site.label_alt_id 
_atom_site.label_comp_id 
_atom_site.label_asym_id 
_atom_site.label_entity_id 
_atom_site.label_seq_id 
_atom_site.pdbx_PDB_ins_code 
_atom_site.Cartn_x 
_atom_site.Cartn_y 
_atom_site.Cartn_z 
_atom_site.occupancy 
_atom_site.B_iso_or_equiv 
_atom_site.pdbx_formal_charge 
_atom_site.auth_seq_id 
_atom_site.auth_comp_id 
_atom_site.auth_asym_id 
_atom_site.auth_atom_id 
_atom_site.pdbx_PDB_model_num 
ATOM   1   N  N   . SER A 1 5  ? 2.785   19.663  -0.073  1.00 45.12 ? 543 SER A N   1 
ATOM   2   C  CA  . SER A 1 5  ? 1.755   19.438  0.984   1.00 45.10 ? 543 SER A CA  1 
ATOM   3   C  C   . SER A 1 5  ? 1.722   17.969  1.412   1.00 45.12 ? 543 SER A C   1 
ATOM   4   O  O   . SER A 1 5  ? 0.988   17.163  0.831   1.00 45.29 ? 543 SER A O   1 
ATOM   5   C  CB  . SER A 1 5  ? 0.377   19.901  0.500   1.00 45.02 ? 543 SER A CB  1 
ATOM   6   O  OG  . SER A 1 5  ? -0.608  19.729  1.505   1.00 45.48 ? 543 SER A OG  1 
ATOM   7   N  N   . PRO A 1 6  ? 2.526   17.610  2.430   1.00 45.05 ? 544 PRO A N   1 
ATOM   8   C  CA  . PRO A 1 6  ? 2.526   16.238  2.936   1.00 44.80 ? 544 PRO A CA  1 
ATOM   9   C  C   . PRO A 1 6  ? 1.228   15.847  3.646   1.00 44.50 ? 544 PRO A C   1 
ATOM   10  O  O   . PRO A 1 6  ? 0.457   16.707  4.081   1.00 44.51 ? 544 PRO A O   1 
ATOM   11  C  CB  . PRO A 1 6  ? 3.702   16.226  3.927   1.00 45.08 ? 544 PRO A CB  1 
ATOM   12  C  CG  . PRO A 1 6  ? 4.526   17.448  3.585   1.00 45.17 ? 544 PRO A CG  1 
ATOM   13  C  CD  . PRO A 1 6  ? 3.506   18.450  3.143   1.00 45.17 ? 544 PRO A CD  1 
ATOM   14  N  N   . LEU A 1 7  ? 0.991   14.544  3.732   1.00 43.82 ? 545 LEU A N   1 
ATOM   15  C  CA  . LEU A 1 7  ? -0.149  14.010  4.455   1.00 43.18 ? 545 LEU A CA  1 
ATOM   16  C  C   . LEU A 1 7  ? 0.183   13.992  5.935   1.00 42.82 ? 545 LEU A C   1 
ATOM   17  O  O   . LEU A 1 7  ? 1.235   13.492  6.335   1.00 42.66 ? 545 LEU A O   1 
ATOM   18  C  CB  . LEU A 1 7  ? -0.457  12.594  3.963   1.00 43.08 ? 545 LEU A CB  1 
ATOM   19  C  CG  . LEU A 1 7  ? -1.671  11.863  4.530   1.00 43.89 ? 545 LEU A CG  1 
ATOM   20  C  CD1 . LEU A 1 7  ? -2.971  12.612  4.245   1.00 41.38 ? 545 LEU A CD1 1 
ATOM   21  C  CD2 . LEU A 1 7  ? -1.735  10.476  3.931   1.00 43.92 ? 545 LEU A CD2 1 
ATOM   22  N  N   . THR A 1 8  ? -0.699  14.565  6.746   1.00 42.25 ? 546 THR A N   1 
ATOM   23  C  CA  . THR A 1 8  ? -0.482  14.599  8.190   1.00 42.38 ? 546 THR A CA  1 
ATOM   24  C  C   . THR A 1 8  ? -1.612  13.865  8.920   1.00 42.38 ? 546 THR A C   1 
ATOM   25  O  O   . THR A 1 8  ? -2.702  13.685  8.365   1.00 41.75 ? 546 THR A O   1 
ATOM   26  C  CB  . THR A 1 8  ? -0.282  16.052  8.713   1.00 42.49 ? 546 THR A CB  1 
ATOM   27  O  OG1 . THR A 1 8  ? 0.289   16.014  10.028  1.00 43.79 ? 546 THR A OG1 1 
ATOM   28  C  CG2 . THR A 1 8  ? -1.597  16.824  8.742   1.00 41.60 ? 546 THR A CG2 1 
ATOM   29  N  N   . ALA A 1 9  ? -1.329  13.430  10.149  1.00 42.52 ? 547 ALA A N   1 
ATOM   30  C  CA  . ALA A 1 9  ? -2.289  12.695  10.980  1.00 42.92 ? 547 ALA A CA  1 
ATOM   31  C  C   . ALA A 1 9  ? -3.564  13.499  11.251  1.00 43.20 ? 547 ALA A C   1 
ATOM   32  O  O   . ALA A 1 9  ? -4.656  12.922  11.360  1.00 43.21 ? 547 ALA A O   1 
ATOM   33  C  CB  . ALA A 1 9  ? -1.634  12.280  12.294  1.00 42.79 ? 547 ALA A CB  1 
ATOM   34  N  N   . SER A 1 10 ? -3.414  14.822  11.365  1.00 43.44 ? 548 SER A N   1 
ATOM   35  C  CA  . SER A 1 10 ? -4.548  15.742  11.503  1.00 43.75 ? 548 SER A CA  1 
ATOM   36  C  C   . SER A 1 10 ? -5.389  15.860  10.225  1.00 44.03 ? 548 SER A C   1 
ATOM   37  O  O   . SER A 1 10 ? -6.620  15.964  10.302  1.00 44.42 ? 548 SER A O   1 
ATOM   38  C  CB  . SER A 1 10 ? -4.078  17.123  11.964  1.00 43.85 ? 548 SER A CB  1 
ATOM   39  O  OG  . SER A 1 10 ? -3.716  17.101  13.333  1.00 43.28 ? 548 SER A OG  1 
ATOM   40  N  N   . MET A 1 11 ? -4.731  15.858  9.062   1.00 44.11 ? 549 MET A N   1 
ATOM   41  C  CA  . MET A 1 11 ? -5.429  15.792  7.770   1.00 44.20 ? 549 MET A CA  1 
ATOM   42  C  C   . MET A 1 11 ? -6.337  14.562  7.722   1.00 43.86 ? 549 MET A C   1 
ATOM   43  O  O   . MET A 1 11 ? -7.520  14.655  7.372   1.00 43.43 ? 549 MET A O   1 
ATOM   44  C  CB  . MET A 1 11 ? -4.434  15.747  6.594   1.00 44.19 ? 549 MET A CB  1 
ATOM   45  C  CG  . MET A 1 11 ? -4.283  17.051  5.808   1.00 44.88 ? 549 MET A CG  1 
ATOM   46  S  SD  . MET A 1 11 ? -3.242  16.950  4.313   1.00 45.40 ? 549 MET A SD  1 
ATOM   47  C  CE  . MET A 1 11 ? -4.123  15.717  3.363   1.00 44.94 ? 549 MET A CE  1 
ATOM   48  N  N   . LEU A 1 12 ? -5.771  13.414  8.085   1.00 43.62 ? 550 LEU A N   1 
ATOM   49  C  CA  . LEU A 1 12 ? -6.500  12.143  8.071   1.00 43.48 ? 550 LEU A CA  1 
ATOM   50  C  C   . LEU A 1 12 ? -7.673  12.137  9.047   1.00 43.56 ? 550 LEU A C   1 
ATOM   51  O  O   . LEU A 1 12 ? -8.712  11.537  8.767   1.00 43.33 ? 550 LEU A O   1 
ATOM   52  C  CB  . LEU A 1 12 ? -5.552  10.986  8.388   1.00 43.67 ? 550 LEU A CB  1 
ATOM   53  C  CG  . LEU A 1 12 ? -4.522  10.672  7.306   1.00 43.53 ? 550 LEU A CG  1 
ATOM   54  C  CD1 . LEU A 1 12 ? -3.371  9.907   7.885   1.00 45.84 ? 550 LEU A CD1 1 
ATOM   55  C  CD2 . LEU A 1 12 ? -5.186  9.884   6.178   1.00 43.05 ? 550 LEU A CD2 1 
ATOM   56  N  N   . ALA A 1 13 ? -7.498  12.799  10.189  1.00 43.30 ? 551 ALA A N   1 
ATOM   57  C  CA  . ALA A 1 13 ? -8.542  12.877  11.198  1.00 43.43 ? 551 ALA A CA  1 
ATOM   58  C  C   . ALA A 1 13 ? -9.798  13.584  10.678  1.00 43.48 ? 551 ALA A C   1 
ATOM   59  O  O   . ALA A 1 13 ? -10.900 13.341  11.176  1.00 43.80 ? 551 ALA A O   1 
ATOM   60  C  CB  . ALA A 1 13 ? -8.023  13.559  12.464  1.00 43.32 ? 551 ALA A CB  1 
ATOM   61  N  N   . SER A 1 14 ? -9.631  14.438  9.667   1.00 43.00 ? 552 SER A N   1 
ATOM   62  C  CA  . SER A 1 14 ? -10.766 15.164  9.079   1.00 42.35 ? 552 SER A CA  1 
ATOM   63  C  C   . SER A 1 14 ? -11.663 14.285  8.200   1.00 41.62 ? 552 SER A C   1 
ATOM   64  O  O   . SER A 1 14 ? -12.704 14.747  7.714   1.00 41.68 ? 552 SER A O   1 
ATOM   65  C  CB  . SER A 1 14 ? -10.278 16.370  8.266   1.00 42.39 ? 552 SER A CB  1 
ATOM   66  O  OG  . SER A 1 14 ? -9.548  17.266  9.076   1.00 42.42 ? 552 SER A OG  1 
ATOM   67  N  N   . ALA A 1 15 ? -11.270 13.025  8.003   1.00 40.62 ? 553 ALA A N   1 
ATOM   68  C  CA  . ALA A 1 15 ? -11.921 12.196  7.002   1.00 39.25 ? 553 ALA A CA  1 
ATOM   69  C  C   . ALA A 1 15 ? -12.540 10.909  7.535   1.00 38.54 ? 553 ALA A C   1 
ATOM   70  O  O   . ALA A 1 15 ? -12.024 10.316  8.492   1.00 39.51 ? 553 ALA A O   1 
ATOM   71  C  CB  . ALA A 1 15 ? -10.936 11.891  5.869   1.00 39.21 ? 553 ALA A CB  1 
ATOM   72  N  N   . PRO A 1 16 ? -13.657 10.463  6.917   1.00 37.04 ? 554 PRO A N   1 
ATOM   73  C  CA  . PRO A 1 16 ? -14.183 9.114   7.130   1.00 36.55 ? 554 PRO A CA  1 
ATOM   74  C  C   . PRO A 1 16 ? -13.098 8.035   6.930   1.00 35.69 ? 554 PRO A C   1 
ATOM   75  O  O   . PRO A 1 16 ? -12.232 8.182   6.061   1.00 36.09 ? 554 PRO A O   1 
ATOM   76  C  CB  . PRO A 1 16 ? -15.228 8.975   6.026   1.00 36.84 ? 554 PRO A CB  1 
ATOM   77  C  CG  . PRO A 1 16 ? -15.701 10.334  5.800   1.00 36.85 ? 554 PRO A CG  1 
ATOM   78  C  CD  . PRO A 1 16 ? -14.513 11.231  5.995   1.00 36.91 ? 554 PRO A CD  1 
ATOM   79  N  N   . PRO A 1 17 ? -13.146 6.961   7.728   1.00 34.68 ? 555 PRO A N   1 
ATOM   80  C  CA  . PRO A 1 17 ? -12.230 5.820   7.592   1.00 32.64 ? 555 PRO A CA  1 
ATOM   81  C  C   . PRO A 1 17 ? -11.959 5.338   6.152   1.00 31.55 ? 555 PRO A C   1 
ATOM   82  O  O   . PRO A 1 17 ? -10.803 5.063   5.798   1.00 32.21 ? 555 PRO A O   1 
ATOM   83  C  CB  . PRO A 1 17 ? -12.910 4.710   8.425   1.00 33.01 ? 555 PRO A CB  1 
ATOM   84  C  CG  . PRO A 1 17 ? -14.099 5.326   9.062   1.00 34.53 ? 555 PRO A CG  1 
ATOM   85  C  CD  . PRO A 1 17 ? -14.070 6.798   8.869   1.00 34.00 ? 555 PRO A CD  1 
ATOM   86  N  N   . GLN A 1 18 ? -12.988 5.210   5.319   1.00 27.41 ? 556 GLN A N   1 
ATOM   87  C  CA  . GLN A 1 18 ? -12.731 4.705   3.973   1.00 24.82 ? 556 GLN A CA  1 
ATOM   88  C  C   . GLN A 1 18 ? -11.928 5.732   3.164   1.00 21.44 ? 556 GLN A C   1 
ATOM   89  O  O   . GLN A 1 18 ? -11.050 5.371   2.363   1.00 20.56 ? 556 GLN A O   1 
ATOM   90  C  CB  . GLN A 1 18 ? -14.013 4.312   3.251   1.00 25.57 ? 556 GLN A CB  1 
ATOM   91  C  CG  . GLN A 1 18 ? -13.812 3.143   2.282   1.00 28.61 ? 556 GLN A CG  1 
ATOM   92  C  CD  . GLN A 1 18 ? -13.862 1.775   2.960   1.00 30.84 ? 556 GLN A CD  1 
ATOM   93  O  OE1 . GLN A 1 18 ? -14.894 1.097   2.935   1.00 33.29 ? 556 GLN A OE1 1 
ATOM   94  N  NE2 . GLN A 1 18 ? -12.744 1.355   3.554   1.00 31.20 ? 556 GLN A NE2 1 
ATOM   95  N  N   . GLU A 1 19 ? -12.196 7.010   3.408   1.00 18.33 ? 557 GLU A N   1 
ATOM   96  C  CA  . GLU A 1 19 ? -11.474 8.072   2.680   1.00 15.91 ? 557 GLU A CA  1 
ATOM   97  C  C   . GLU A 1 19 ? -10.033 8.125   3.172   1.00 16.36 ? 557 GLU A C   1 
ATOM   98  O  O   . GLU A 1 19 ? -9.109  8.359   2.391   1.00 15.34 ? 557 GLU A O   1 
ATOM   99  C  CB  . GLU A 1 19 ? -12.142 9.429   2.879   1.00 16.69 ? 557 GLU A CB  1 
ATOM   100 C  CG  . GLU A 1 19 ? -13.353 9.647   1.983   1.00 17.28 ? 557 GLU A CG  1 
ATOM   101 C  CD  . GLU A 1 19 ? -13.949 11.026  2.158   1.00 21.15 ? 557 GLU A CD  1 
ATOM   102 O  OE1 . GLU A 1 19 ? -13.397 11.797  2.971   1.00 25.03 ? 557 GLU A OE1 1 
ATOM   103 O  OE2 . GLU A 1 19 ? -14.994 11.337  1.536   1.00 20.68 ? 557 GLU A OE2 1 
ATOM   104 N  N   . GLN A 1 20 ? -9.845  7.910   4.474   1.00 15.78 ? 558 GLN A N   1 
ATOM   105 C  CA  . GLN A 1 20 ? -8.482  7.866   5.010   1.00 16.38 ? 558 GLN A CA  1 
ATOM   106 C  C   . GLN A 1 20 ? -7.626  6.806   4.302   1.00 16.75 ? 558 GLN A C   1 
ATOM   107 O  O   . GLN A 1 20 ? -6.445  7.075   3.988   1.00 16.76 ? 558 GLN A O   1 
ATOM   108 C  CB  . GLN A 1 20 ? -8.476  7.612   6.514   1.00 17.00 ? 558 GLN A CB  1 
ATOM   109 C  CG  . GLN A 1 20 ? -9.152  8.658   7.335   1.00 16.42 ? 558 GLN A CG  1 
ATOM   110 C  CD  . GLN A 1 20 ? -8.927  8.440   8.819   1.00 19.33 ? 558 GLN A CD  1 
ATOM   111 O  OE1 . GLN A 1 20 ? -8.008  7.717   9.224   1.00 21.10 ? 558 GLN A OE1 1 
ATOM   112 N  NE2 . GLN A 1 20 ? -9.776  9.045   9.638   1.00 21.65 ? 558 GLN A NE2 1 
ATOM   113 N  N   . LYS A 1 21 ? -8.203  5.619   4.039   1.00 16.78 ? 559 LYS A N   1 
ATOM   114 C  CA  . LYS A 1 21 ? -7.469  4.557   3.303   1.00 17.56 ? 559 LYS A CA  1 
ATOM   115 C  C   . LYS A 1 21 ? -7.063  5.059   1.919   1.00 17.01 ? 559 LYS A C   1 
ATOM   116 O  O   . LYS A 1 21 ? -5.928  4.848   1.478   1.00 17.71 ? 559 LYS A O   1 
ATOM   117 C  CB  . LYS A 1 21 ? -8.307  3.285   3.142   1.00 16.61 ? 559 LYS A CB  1 
ATOM   118 C  CG  . LYS A 1 21 ? -8.594  2.574   4.423   1.00 19.01 ? 559 LYS A CG  1 
ATOM   119 C  CD  . LYS A 1 21 ? -7.353  1.876   4.890   1.00 16.03 ? 559 LYS A CD  1 
ATOM   120 C  CE  . LYS A 1 21 ? -7.704  0.992   6.057   1.00 14.25 ? 559 LYS A CE  1 
ATOM   121 N  NZ  . LYS A 1 21 ? -6.526  0.582   6.786   1.00 15.05 ? 559 LYS A NZ  1 
ATOM   122 N  N   . GLN A 1 22 ? -7.988  5.722   1.239   1.00 15.77 ? 560 GLN A N   1 
ATOM   123 C  CA  . GLN A 1 22 ? -7.725  6.214   -0.104  1.00 15.85 ? 560 GLN A CA  1 
ATOM   124 C  C   . GLN A 1 22 ? -6.613  7.264   -0.047  1.00 15.77 ? 560 GLN A C   1 
ATOM   125 O  O   . GLN A 1 22 ? -5.725  7.283   -0.907  1.00 16.26 ? 560 GLN A O   1 
ATOM   126 C  CB  . GLN A 1 22 ? -8.985  6.784   -0.758  1.00 15.55 ? 560 GLN A CB  1 
ATOM   127 C  CG  . GLN A 1 22 ? -8.813  7.203   -2.251  1.00 16.71 ? 560 GLN A CG  1 
ATOM   128 C  CD  . GLN A 1 22 ? -8.528  6.055   -3.234  1.00 17.46 ? 560 GLN A CD  1 
ATOM   129 O  OE1 . GLN A 1 22 ? -8.977  4.909   -3.052  1.00 18.58 ? 560 GLN A OE1 1 
ATOM   130 N  NE2 . GLN A 1 22 ? -7.818  6.380   -4.324  1.00 17.44 ? 560 GLN A NE2 1 
ATOM   131 N  N   . MET A 1 23 ? -6.678  8.149   0.947   1.00 16.03 ? 561 MET A N   1 
ATOM   132 C  CA  . MET A 1 23 ? -5.696  9.213   1.099   1.00 16.26 ? 561 MET A CA  1 
ATOM   133 C  C   . MET A 1 23 ? -4.311  8.625   1.337   1.00 16.96 ? 561 MET A C   1 
ATOM   134 O  O   . MET A 1 23 ? -3.336  9.086   0.771   1.00 17.21 ? 561 MET A O   1 
ATOM   135 C  CB  . MET A 1 23 ? -6.072  10.120  2.271   1.00 16.32 ? 561 MET A CB  1 
ATOM   136 C  CG  . MET A 1 23 ? -7.335  10.966  1.947   1.00 17.40 ? 561 MET A CG  1 
ATOM   137 S  SD  . MET A 1 23 ? -7.989  11.814  3.400   1.00 22.15 ? 561 MET A SD  1 
ATOM   138 C  CE  . MET A 1 23 ? -6.524  12.603  3.915   1.00 18.77 ? 561 MET A CE  1 
ATOM   139 N  N   . LEU A 1 24 ? -4.252  7.627   2.212   1.00 15.64 ? 562 LEU A N   1 
ATOM   140 C  CA  . LEU A 1 24 ? -2.988  6.927   2.495   1.00 15.46 ? 562 LEU A CA  1 
ATOM   141 C  C   . LEU A 1 24 ? -2.469  6.241   1.237   1.00 15.84 ? 562 LEU A C   1 
ATOM   142 O  O   . LEU A 1 24 ? -1.252  6.350   0.902   1.00 16.34 ? 562 LEU A O   1 
ATOM   143 C  CB  . LEU A 1 24 ? -3.174  5.927   3.640   1.00 14.95 ? 562 LEU A CB  1 
ATOM   144 C  CG  . LEU A 1 24 ? -3.280  6.679   4.946   1.00 15.80 ? 562 LEU A CG  1 
ATOM   145 C  CD1 . LEU A 1 24 ? -3.851  5.745   6.032   1.00 18.19 ? 562 LEU A CD1 1 
ATOM   146 C  CD2 . LEU A 1 24 ? -1.863  7.117   5.281   1.00 15.18 ? 562 LEU A CD2 1 
ATOM   147 N  N   . GLY A 1 25 ? -3.367  5.576   0.509   1.00 15.45 ? 563 GLY A N   1 
ATOM   148 C  CA  . GLY A 1 25 ? -2.962  4.872   -0.725  1.00 16.02 ? 563 GLY A CA  1 
ATOM   149 C  C   . GLY A 1 25 ? -2.402  5.836   -1.760  1.00 15.36 ? 563 GLY A C   1 
ATOM   150 O  O   . GLY A 1 25 ? -1.434  5.492   -2.472  1.00 15.61 ? 563 GLY A O   1 
ATOM   151 N  N   . GLU A 1 26 ? -2.992  7.039   -1.870  1.00 15.50 ? 564 GLU A N   1 
ATOM   152 C  CA  . GLU A 1 26 ? -2.505  8.036   -2.829  1.00 16.21 ? 564 GLU A CA  1 
ATOM   153 C  C   . GLU A 1 26 ? -1.049  8.403   -2.600  1.00 16.02 ? 564 GLU A C   1 
ATOM   154 O  O   . GLU A 1 26 ? -0.327  8.645   -3.571  1.00 16.71 ? 564 GLU A O   1 
ATOM   155 C  CB  . GLU A 1 26 ? -3.369  9.315   -2.822  1.00 16.90 ? 564 GLU A CB  1 
ATOM   156 C  CG  . GLU A 1 26 ? -4.809  9.093   -3.208  1.00 22.00 ? 564 GLU A CG  1 
ATOM   157 C  CD  . GLU A 1 26 ? -5.054  8.788   -4.690  1.00 25.23 ? 564 GLU A CD  1 
ATOM   158 O  OE1 . GLU A 1 26 ? -4.100  8.561   -5.488  1.00 28.33 ? 564 GLU A OE1 1 
ATOM   159 O  OE2 . GLU A 1 26 ? -6.251  8.775   -5.056  1.00 25.01 ? 564 GLU A OE2 1 
ATOM   160 N  N   . ARG A 1 27 ? -0.624  8.441   -1.333  1.00 15.95 ? 565 ARG A N   1 
ATOM   161 C  CA  . ARG A 1 27 ? 0.753   8.807   -1.015  1.00 15.93 ? 565 ARG A CA  1 
ATOM   162 C  C   . ARG A 1 27 ? 1.684   7.611   -1.153  1.00 14.41 ? 565 ARG A C   1 
ATOM   163 O  O   . ARG A 1 27 ? 2.841   7.742   -1.563  1.00 13.80 ? 565 ARG A O   1 
ATOM   164 C  CB  . ARG A 1 27 ? 0.866   9.398   0.401   1.00 16.43 ? 565 ARG A CB  1 
ATOM   165 C  CG  . ARG A 1 27 ? -0.078  10.571  0.664   1.00 18.31 ? 565 ARG A CG  1 
ATOM   166 C  CD  . ARG A 1 27 ? 0.070   11.681  -0.384  1.00 22.94 ? 565 ARG A CD  1 
ATOM   167 N  NE  . ARG A 1 27 ? -0.636  12.897  0.042   1.00 25.77 ? 565 ARG A NE  1 
ATOM   168 C  CZ  . ARG A 1 27 ? -0.044  14.021  0.439   1.00 27.59 ? 565 ARG A CZ  1 
ATOM   169 N  NH1 . ARG A 1 27 ? 1.285   14.123  0.459   1.00 27.55 ? 565 ARG A NH1 1 
ATOM   170 N  NH2 . ARG A 1 27 ? -0.784  15.060  0.801   1.00 28.34 ? 565 ARG A NH2 1 
ATOM   171 N  N   . LEU A 1 28 ? 1.179   6.446   -0.788  1.00 15.71 ? 566 LEU A N   1 
ATOM   172 C  CA  . LEU A 1 28 ? 1.973   5.226   -0.883  1.00 16.42 ? 566 LEU A CA  1 
ATOM   173 C  C   . LEU A 1 28 ? 2.212   4.730   -2.320  1.00 16.93 ? 566 LEU A C   1 
ATOM   174 O  O   . LEU A 1 28 ? 3.275   4.195   -2.644  1.00 16.24 ? 566 LEU A O   1 
ATOM   175 C  CB  . LEU A 1 28 ? 1.329   4.109   -0.076  1.00 17.99 ? 566 LEU A CB  1 
ATOM   176 C  CG  . LEU A 1 28 ? 1.449   4.257   1.438   1.00 20.67 ? 566 LEU A CG  1 
ATOM   177 C  CD1 . LEU A 1 28 ? 0.424   3.395   2.112   1.00 21.92 ? 566 LEU A CD1 1 
ATOM   178 C  CD2 . LEU A 1 28 ? 2.882   3.914   1.910   1.00 22.01 ? 566 LEU A CD2 1 
ATOM   179 N  N   . PHE A 1 29 ? 1.206   4.910   -3.169  1.00 16.37 ? 567 PHE A N   1 
ATOM   180 C  CA  . PHE A 1 29 ? 1.232   4.302   -4.483  1.00 16.55 ? 567 PHE A CA  1 
ATOM   181 C  C   . PHE A 1 29 ? 2.467   4.680   -5.318  1.00 16.49 ? 567 PHE A C   1 
ATOM   182 O  O   . PHE A 1 29 ? 3.119   3.790   -5.853  1.00 16.97 ? 567 PHE A O   1 
ATOM   183 C  CB  . PHE A 1 29 ? -0.058  4.622   -5.256  1.00 16.89 ? 567 PHE A CB  1 
ATOM   184 C  CG  . PHE A 1 29 ? -0.067  4.026   -6.618  1.00 15.07 ? 567 PHE A CG  1 
ATOM   185 C  CD1 . PHE A 1 29 ? -0.446  2.704   -6.797  1.00 17.71 ? 567 PHE A CD1 1 
ATOM   186 C  CD2 . PHE A 1 29 ? 0.358   4.773   -7.703  1.00 17.26 ? 567 PHE A CD2 1 
ATOM   187 C  CE1 . PHE A 1 29 ? -0.427  2.104   -8.082  1.00 18.62 ? 567 PHE A CE1 1 
ATOM   188 C  CE2 . PHE A 1 29 ? 0.395   4.215   -8.980  1.00 16.89 ? 567 PHE A CE2 1 
ATOM   189 C  CZ  . PHE A 1 29 ? 0.005   2.860   -9.164  1.00 18.06 ? 567 PHE A CZ  1 
ATOM   190 N  N   . PRO A 1 30 ? 2.775   5.994   -5.458  1.00 17.18 ? 568 PRO A N   1 
ATOM   191 C  CA  . PRO A 1 30 ? 3.962   6.337   -6.274  1.00 16.55 ? 568 PRO A CA  1 
ATOM   192 C  C   . PRO A 1 30 ? 5.260   5.671   -5.781  1.00 16.35 ? 568 PRO A C   1 
ATOM   193 O  O   . PRO A 1 30 ? 6.139   5.333   -6.600  1.00 16.05 ? 568 PRO A O   1 
ATOM   194 C  CB  . PRO A 1 30 ? 4.080   7.862   -6.163  1.00 17.54 ? 568 PRO A CB  1 
ATOM   195 C  CG  . PRO A 1 30 ? 2.962   8.327   -5.313  1.00 18.36 ? 568 PRO A CG  1 
ATOM   196 C  CD  . PRO A 1 30 ? 2.093   7.175   -4.913  1.00 17.62 ? 568 PRO A CD  1 
ATOM   197 N  N   . LEU A 1 31 ? 5.364   5.508   -4.468  1.00 14.48 ? 569 LEU A N   1 
ATOM   198 C  CA  . LEU A 1 31 ? 6.535   4.892   -3.857  1.00 14.69 ? 569 LEU A CA  1 
ATOM   199 C  C   . LEU A 1 31 ? 6.563   3.413   -4.174  1.00 14.65 ? 569 LEU A C   1 
ATOM   200 O  O   . LEU A 1 31 ? 7.589   2.862   -4.552  1.00 15.98 ? 569 LEU A O   1 
ATOM   201 C  CB  . LEU A 1 31 ? 6.592   5.128   -2.339  1.00 14.32 ? 569 LEU A CB  1 
ATOM   202 C  CG  . LEU A 1 31 ? 6.536   6.610   -1.892  1.00 15.96 ? 569 LEU A CG  1 
ATOM   203 C  CD1 . LEU A 1 31 ? 6.492   6.699   -0.338  1.00 16.49 ? 569 LEU A CD1 1 
ATOM   204 C  CD2 . LEU A 1 31 ? 7.652   7.462   -2.524  1.00 16.69 ? 569 LEU A CD2 1 
ATOM   205 N  N   . ILE A 1 32 ? 5.422   2.756   -4.001  1.00 15.09 ? 570 ILE A N   1 
ATOM   206 C  CA  . ILE A 1 32 ? 5.324   1.331   -4.325  1.00 15.22 ? 570 ILE A CA  1 
ATOM   207 C  C   . ILE A 1 32 ? 5.528   1.088   -5.827  1.00 14.88 ? 570 ILE A C   1 
ATOM   208 O  O   . ILE A 1 32 ? 6.226   0.147   -6.211  1.00 15.68 ? 570 ILE A O   1 
ATOM   209 C  CB  . ILE A 1 32 ? 4.022   0.766   -3.763  1.00 14.79 ? 570 ILE A CB  1 
ATOM   210 C  CG1 . ILE A 1 32 ? 4.075   0.888   -2.235  1.00 14.42 ? 570 ILE A CG1 1 
ATOM   211 C  CG2 . ILE A 1 32 ? 3.815   -0.687  -4.215  1.00 17.48 ? 570 ILE A CG2 1 
ATOM   212 C  CD1 . ILE A 1 32 ? 2.751   0.613   -1.576  1.00 17.43 ? 570 ILE A CD1 1 
ATOM   213 N  N   . GLN A 1 33 ? 4.933   1.913   -6.670  1.00 15.12 ? 571 GLN A N   1 
ATOM   214 C  CA  . GLN A 1 33 ? 5.110   1.770   -8.122  1.00 15.43 ? 571 GLN A CA  1 
ATOM   215 C  C   . GLN A 1 33 ? 6.561   1.932   -8.523  1.00 16.37 ? 571 GLN A C   1 
ATOM   216 O  O   . GLN A 1 33 ? 7.009   1.302   -9.476  1.00 16.17 ? 571 GLN A O   1 
ATOM   217 C  CB  . GLN A 1 33 ? 4.285   2.811   -8.852  1.00 14.94 ? 571 GLN A CB  1 
ATOM   218 C  CG  . GLN A 1 33 ? 4.323   2.676   -10.392 1.00 17.63 ? 571 GLN A CG  1 
ATOM   219 C  CD  . GLN A 1 33 ? 3.469   3.729   -11.088 1.00 17.37 ? 571 GLN A CD  1 
ATOM   220 O  OE1 . GLN A 1 33 ? 2.565   3.370   -11.815 1.00 18.38 ? 571 GLN A OE1 1 
ATOM   221 N  NE2 . GLN A 1 33 ? 3.757   5.018   -10.859 1.00 19.55 ? 571 GLN A NE2 1 
ATOM   222 N  N   . ALA A 1 34 ? 7.294   2.810   -7.826  1.00 15.95 ? 572 ALA A N   1 
ATOM   223 C  CA  . ALA A 1 34 ? 8.746   2.973   -8.124  1.00 16.98 ? 572 ALA A CA  1 
ATOM   224 C  C   . ALA A 1 34 ? 9.518   1.657   -7.904  1.00 16.95 ? 572 ALA A C   1 
ATOM   225 O  O   . ALA A 1 34 ? 10.425  1.315   -8.656  1.00 16.60 ? 572 ALA A O   1 
ATOM   226 C  CB  . ALA A 1 34 ? 9.336   4.077   -7.286  1.00 16.58 ? 572 ALA A CB  1 
ATOM   227 N  N   . MET A 1 35 ? 9.153   0.937   -6.845  1.00 18.05 ? 573 MET A N   1 
ATOM   228 C  CA  . MET A 1 35 ? 9.773   -0.312  -6.456  1.00 20.15 ? 573 MET A CA  1 
ATOM   229 C  C   . MET A 1 35 ? 9.341   -1.466  -7.363  1.00 19.26 ? 573 MET A C   1 
ATOM   230 O  O   . MET A 1 35 ? 10.142  -2.336  -7.708  1.00 19.26 ? 573 MET A O   1 
ATOM   231 C  CB  . MET A 1 35 ? 9.420   -0.582  -4.978  1.00 20.44 ? 573 MET A CB  1 
ATOM   232 C  CG  . MET A 1 35 ? 9.625   0.688   -4.081  1.00 22.53 ? 573 MET A CG  1 
ATOM   233 S  SD  . MET A 1 35 ? 8.905   0.662   -2.389  1.00 28.55 ? 573 MET A SD  1 
ATOM   234 C  CE  . MET A 1 35 ? 9.649   -0.852  -2.005  1.00 24.27 ? 573 MET A CE  1 
ATOM   235 N  N   . HIS A 1 36 ? 8.058   -1.479  -7.721  1.00 18.63 ? 574 HIS A N   1 
ATOM   236 C  CA  . HIS A 1 36 ? 7.457   -2.579  -8.488  1.00 19.52 ? 574 HIS A CA  1 
ATOM   237 C  C   . HIS A 1 36 ? 6.342   -2.073  -9.387  1.00 19.77 ? 574 HIS A C   1 
ATOM   238 O  O   . HIS A 1 36 ? 5.162   -2.145  -8.991  1.00 19.51 ? 574 HIS A O   1 
ATOM   239 C  CB  . HIS A 1 36 ? 6.825   -3.559  -7.502  1.00 19.27 ? 574 HIS A CB  1 
ATOM   240 C  CG  . HIS A 1 36 ? 7.809   -4.303  -6.680  1.00 22.57 ? 574 HIS A CG  1 
ATOM   241 N  ND1 . HIS A 1 36 ? 8.538   -5.354  -7.183  1.00 23.42 ? 574 HIS A ND1 1 
ATOM   242 C  CD2 . HIS A 1 36 ? 8.192   -4.153  -5.390  1.00 22.09 ? 574 HIS A CD2 1 
ATOM   243 C  CE1 . HIS A 1 36 ? 9.342   -5.814  -6.242  1.00 24.81 ? 574 HIS A CE1 1 
ATOM   244 N  NE2 . HIS A 1 36 ? 9.155   -5.098  -5.148  1.00 23.57 ? 574 HIS A NE2 1 
ATOM   245 N  N   . PRO A 1 37 ? 6.687   -1.533  -10.575 1.00 18.95 ? 575 PRO A N   1 
ATOM   246 C  CA  . PRO A 1 37 ? 5.683   -0.901  -11.422 1.00 19.66 ? 575 PRO A CA  1 
ATOM   247 C  C   . PRO A 1 37 ? 4.528   -1.843  -11.806 1.00 20.49 ? 575 PRO A C   1 
ATOM   248 O  O   . PRO A 1 37 ? 3.387   -1.400  -11.875 1.00 21.42 ? 575 PRO A O   1 
ATOM   249 C  CB  . PRO A 1 37 ? 6.486   -0.477  -12.661 1.00 19.85 ? 575 PRO A CB  1 
ATOM   250 C  CG  . PRO A 1 37 ? 7.897   -0.312  -12.152 1.00 19.44 ? 575 PRO A CG  1 
ATOM   251 C  CD  . PRO A 1 37 ? 8.036   -1.448  -11.172 1.00 19.95 ? 575 PRO A CD  1 
ATOM   252 N  N   . THR A 1 38 ? 4.811   -3.122  -12.034 1.00 20.93 ? 576 THR A N   1 
ATOM   253 C  CA  . THR A 1 38 ? 3.763   -4.063  -12.492 1.00 21.84 ? 576 THR A CA  1 
ATOM   254 C  C   . THR A 1 38 ? 2.752   -4.396  -11.399 1.00 22.40 ? 576 THR A C   1 
ATOM   255 O  O   . THR A 1 38 ? 1.539   -4.439  -11.633 1.00 23.21 ? 576 THR A O   1 
ATOM   256 C  CB  . THR A 1 38 ? 4.386   -5.388  -12.970 1.00 22.43 ? 576 THR A CB  1 
ATOM   257 O  OG1 . THR A 1 38 ? 5.310   -5.115  -14.023 1.00 23.35 ? 576 THR A OG1 1 
ATOM   258 C  CG2 . THR A 1 38 ? 3.319   -6.377  -13.458 1.00 23.82 ? 576 THR A CG2 1 
ATOM   259 N  N   . LEU A 1 39 ? 3.264   -4.672  -10.213 1.00 21.38 ? 577 LEU A N   1 
ATOM   260 C  CA  . LEU A 1 39 ? 2.430   -5.181  -9.160  1.00 21.87 ? 577 LEU A CA  1 
ATOM   261 C  C   . LEU A 1 39 ? 1.821   -4.058  -8.322  1.00 21.20 ? 577 LEU A C   1 
ATOM   262 O  O   . LEU A 1 39 ? 1.089   -4.338  -7.386  1.00 20.52 ? 577 LEU A O   1 
ATOM   263 C  CB  . LEU A 1 39 ? 3.261   -6.138  -8.289  1.00 21.72 ? 577 LEU A CB  1 
ATOM   264 C  CG  . LEU A 1 39 ? 3.841   -7.426  -8.917  1.00 24.05 ? 577 LEU A CG  1 
ATOM   265 C  CD1 . LEU A 1 39 ? 4.502   -8.274  -7.829  1.00 25.82 ? 577 LEU A CD1 1 
ATOM   266 C  CD2 . LEU A 1 39 ? 2.765   -8.232  -9.633  1.00 24.82 ? 577 LEU A CD2 1 
ATOM   267 N  N   . ALA A 1 40 ? 2.103   -2.793  -8.669  1.00 20.73 ? 578 ALA A N   1 
ATOM   268 C  CA  . ALA A 1 40 ? 1.847   -1.677  -7.749  1.00 19.47 ? 578 ALA A CA  1 
ATOM   269 C  C   . ALA A 1 40 ? 0.415   -1.559  -7.202  1.00 18.42 ? 578 ALA A C   1 
ATOM   270 O  O   . ALA A 1 40 ? 0.243   -1.390  -6.016  1.00 18.35 ? 578 ALA A O   1 
ATOM   271 C  CB  . ALA A 1 40 ? 2.308   -0.330  -8.357  1.00 20.49 ? 578 ALA A CB  1 
ATOM   272 N  N   . GLY A 1 41 ? -0.586  -1.652  -8.064  1.00 17.90 ? 579 GLY A N   1 
ATOM   273 C  CA  . GLY A 1 41 ? -1.971  -1.552  -7.605  1.00 17.72 ? 579 GLY A CA  1 
ATOM   274 C  C   . GLY A 1 41 ? -2.314  -2.653  -6.607  1.00 15.84 ? 579 GLY A C   1 
ATOM   275 O  O   . GLY A 1 41 ? -2.940  -2.405  -5.575  1.00 17.94 ? 579 GLY A O   1 
ATOM   276 N  N   . LYS A 1 42 ? -1.859  -3.863  -6.893  1.00 15.98 ? 580 LYS A N   1 
ATOM   277 C  CA  . LYS A 1 42 ? -2.168  -4.986  -6.037  1.00 16.27 ? 580 LYS A CA  1 
ATOM   278 C  C   . LYS A 1 42 ? -1.415  -4.920  -4.729  1.00 16.09 ? 580 LYS A C   1 
ATOM   279 O  O   . LYS A 1 42 ? -1.973  -5.152  -3.671  1.00 15.55 ? 580 LYS A O   1 
ATOM   280 C  CB  . LYS A 1 42 ? -1.882  -6.307  -6.770  1.00 16.20 ? 580 LYS A CB  1 
ATOM   281 C  CG  . LYS A 1 42 ? -2.197  -7.542  -5.909  1.00 19.43 ? 580 LYS A CG  1 
ATOM   282 C  CD  . LYS A 1 42 ? -3.695  -7.585  -5.514  1.00 23.58 ? 580 LYS A CD  1 
ATOM   283 C  CE  . LYS A 1 42 ? -4.326  -8.925  -5.900  1.00 23.18 ? 580 LYS A CE  1 
ATOM   284 N  NZ  . LYS A 1 42 ? -5.648  -9.167  -5.277  1.00 20.26 ? 580 LYS A NZ  1 
ATOM   285 N  N   . ILE A 1 43 ? -0.136  -4.574  -4.816  1.00 15.58 ? 581 ILE A N   1 
ATOM   286 C  CA  . ILE A 1 43 ? 0.648   -4.421  -3.601  1.00 16.63 ? 581 ILE A CA  1 
ATOM   287 C  C   . ILE A 1 43 ? 0.065   -3.343  -2.705  1.00 16.70 ? 581 ILE A C   1 
ATOM   288 O  O   . ILE A 1 43 ? -0.040  -3.551  -1.492  1.00 16.54 ? 581 ILE A O   1 
ATOM   289 C  CB  . ILE A 1 43 ? 2.138   -4.139  -3.897  1.00 17.97 ? 581 ILE A CB  1 
ATOM   290 C  CG1 . ILE A 1 43 ? 2.740   -5.294  -4.676  1.00 17.22 ? 581 ILE A CG1 1 
ATOM   291 C  CG2 . ILE A 1 43 ? 2.900   -3.859  -2.587  1.00 18.02 ? 581 ILE A CG2 1 
ATOM   292 C  CD1 . ILE A 1 43 ? 4.070   -4.878  -5.308  1.00 23.08 ? 581 ILE A CD1 1 
ATOM   293 N  N   . THR A 1 44 ? -0.273  -2.175  -3.288  1.00 16.05 ? 582 THR A N   1 
ATOM   294 C  CA  . THR A 1 44 ? -0.858  -1.101  -2.486  1.00 17.02 ? 582 THR A CA  1 
ATOM   295 C  C   . THR A 1 44 ? -2.143  -1.574  -1.771  1.00 16.80 ? 582 THR A C   1 
ATOM   296 O  O   . THR A 1 44 ? -2.329  -1.356  -0.563  1.00 16.35 ? 582 THR A O   1 
ATOM   297 C  CB  . THR A 1 44 ? -1.079  0.161   -3.335  1.00 17.09 ? 582 THR A CB  1 
ATOM   298 O  OG1 . THR A 1 44 ? 0.149   0.531   -3.952  1.00 15.59 ? 582 THR A OG1 1 
ATOM   299 C  CG2 . THR A 1 44 ? -1.617  1.320   -2.468  1.00 18.76 ? 582 THR A CG2 1 
ATOM   300 N  N   . GLY A 1 45 ? -3.009  -2.244  -2.525  1.00 15.67 ? 583 GLY A N   1 
ATOM   301 C  CA  . GLY A 1 45 ? -4.246  -2.819  -1.988  1.00 17.05 ? 583 GLY A CA  1 
ATOM   302 C  C   . GLY A 1 45 ? -3.995  -3.727  -0.800  1.00 16.93 ? 583 GLY A C   1 
ATOM   303 O  O   . GLY A 1 45 ? -4.715  -3.688  0.233   1.00 17.83 ? 583 GLY A O   1 
ATOM   304 N  N   . MET A 1 46 ? -2.976  -4.573  -0.935  1.00 16.28 ? 584 MET A N   1 
ATOM   305 C  CA  . MET A 1 46 ? -2.588  -5.469  0.164   1.00 16.75 ? 584 MET A CA  1 
ATOM   306 C  C   . MET A 1 46 ? -2.162  -4.706  1.401   1.00 16.67 ? 584 MET A C   1 
ATOM   307 O  O   . MET A 1 46 ? -2.625  -5.022  2.511   1.00 17.65 ? 584 MET A O   1 
ATOM   308 C  CB  . MET A 1 46 ? -1.475  -6.436  -0.288  1.00 15.93 ? 584 MET A CB  1 
ATOM   309 C  CG  . MET A 1 46 ? -1.960  -7.481  -1.333  1.00 15.15 ? 584 MET A CG  1 
ATOM   310 S  SD  . MET A 1 46 ? -0.586  -8.448  -1.991  1.00 16.69 ? 584 MET A SD  1 
ATOM   311 C  CE  . MET A 1 46 ? -0.083  -9.282  -0.472  1.00 15.29 ? 584 MET A CE  1 
ATOM   312 N  N   . LEU A 1 47 ? -1.350  -3.661  1.218   1.00 16.33 ? 585 LEU A N   1 
ATOM   313 C  CA  A LEU A 1 47 ? -0.827  -2.898  2.357   0.50 16.78 ? 585 LEU A CA  1 
ATOM   314 C  CA  B LEU A 1 47 ? -0.835  -2.919  2.367   0.50 16.94 ? 585 LEU A CA  1 
ATOM   315 C  C   . LEU A 1 47 ? -1.931  -2.098  3.029   1.00 17.41 ? 585 LEU A C   1 
ATOM   316 O  O   . LEU A 1 47 ? -1.884  -1.857  4.237   1.00 17.17 ? 585 LEU A O   1 
ATOM   317 C  CB  A LEU A 1 47 ? 0.332   -1.980  1.938   0.50 16.93 ? 585 LEU A CB  1 
ATOM   318 C  CB  B LEU A 1 47 ? 0.362   -2.050  1.974   0.50 17.29 ? 585 LEU A CB  1 
ATOM   319 C  CG  A LEU A 1 47 ? 1.753   -2.548  2.086   0.50 17.34 ? 585 LEU A CG  1 
ATOM   320 C  CG  B LEU A 1 47 ? 1.564   -2.848  1.450   0.50 18.15 ? 585 LEU A CG  1 
ATOM   321 C  CD1 A LEU A 1 47 ? 2.010   -3.684  1.116   0.50 18.48 ? 585 LEU A CD1 1 
ATOM   322 C  CD1 B LEU A 1 47 ? 2.764   -1.927  1.226   0.50 21.15 ? 585 LEU A CD1 1 
ATOM   323 C  CD2 A LEU A 1 47 ? 2.800   -1.446  1.887   0.50 17.31 ? 585 LEU A CD2 1 
ATOM   324 C  CD2 B LEU A 1 47 ? 1.943   -4.005  2.363   0.50 19.20 ? 585 LEU A CD2 1 
ATOM   325 N  N   . LEU A 1 48 ? -2.923  -1.685  2.238   1.00 16.46 ? 586 LEU A N   1 
ATOM   326 C  CA  . LEU A 1 48 ? -4.035  -0.895  2.797   1.00 18.13 ? 586 LEU A CA  1 
ATOM   327 C  C   . LEU A 1 48 ? -4.896  -1.645  3.833   1.00 19.27 ? 586 LEU A C   1 
ATOM   328 O  O   . LEU A 1 48 ? -5.664  -1.015  4.549   1.00 20.47 ? 586 LEU A O   1 
ATOM   329 C  CB  . LEU A 1 48 ? -4.867  -0.214  1.696   1.00 17.99 ? 586 LEU A CB  1 
ATOM   330 C  CG  . LEU A 1 48 ? -4.215  0.984   0.985   1.00 18.74 ? 586 LEU A CG  1 
ATOM   331 C  CD1 . LEU A 1 48 ? -5.176  1.484   -0.077  1.00 18.41 ? 586 LEU A CD1 1 
ATOM   332 C  CD2 . LEU A 1 48 ? -3.777  2.141   1.916   1.00 20.93 ? 586 LEU A CD2 1 
ATOM   333 N  N   . GLU A 1 49 ? -4.729  -2.975  3.952   1.00 19.26 ? 587 GLU A N   1 
ATOM   334 C  CA  . GLU A 1 49 ? -5.361  -3.762  5.030   1.00 19.66 ? 587 GLU A CA  1 
ATOM   335 C  C   . GLU A 1 49 ? -4.787  -3.422  6.417   1.00 19.19 ? 587 GLU A C   1 
ATOM   336 O  O   . GLU A 1 49 ? -5.426  -3.671  7.442   1.00 19.31 ? 587 GLU A O   1 
ATOM   337 C  CB  . GLU A 1 49 ? -5.136  -5.262  4.824   1.00 19.74 ? 587 GLU A CB  1 
ATOM   338 C  CG  . GLU A 1 49 ? -5.403  -5.860  3.414   1.00 22.30 ? 587 GLU A CG  1 
ATOM   339 C  CD  . GLU A 1 49 ? -4.899  -7.327  3.314   1.00 22.75 ? 587 GLU A CD  1 
ATOM   340 O  OE1 . GLU A 1 49 ? -3.740  -7.563  2.893   1.00 23.82 ? 587 GLU A OE1 1 
ATOM   341 O  OE2 . GLU A 1 49 ? -5.662  -8.256  3.676   1.00 29.63 ? 587 GLU A OE2 1 
ATOM   342 N  N   . ILE A 1 50 ? -3.563  -2.915  6.443   1.00 17.78 ? 588 ILE A N   1 
ATOM   343 C  CA  . ILE A 1 50 ? -2.855  -2.560  7.689   1.00 18.63 ? 588 ILE A CA  1 
ATOM   344 C  C   . ILE A 1 50 ? -3.512  -1.353  8.361   1.00 18.59 ? 588 ILE A C   1 
ATOM   345 O  O   . ILE A 1 50 ? -4.075  -0.501  7.671   1.00 18.26 ? 588 ILE A O   1 
ATOM   346 C  CB  . ILE A 1 50 ? -1.383  -2.277  7.365   1.00 19.00 ? 588 ILE A CB  1 
ATOM   347 C  CG1 . ILE A 1 50 ? -0.694  -3.577  6.938   1.00 18.99 ? 588 ILE A CG1 1 
ATOM   348 C  CG2 . ILE A 1 50 ? -0.631  -1.575  8.514   1.00 20.67 ? 588 ILE A CG2 1 
ATOM   349 C  CD1 . ILE A 1 50 ? 0.641   -3.338  6.272   1.00 20.57 ? 588 ILE A CD1 1 
ATOM   350 N  N   . ASP A 1 51 ? -3.441  -1.294  9.699   1.00 19.70 ? 589 ASP A N   1 
ATOM   351 C  CA  . ASP A 1 51 ? -4.011  -0.156  10.460  1.00 20.79 ? 589 ASP A CA  1 
ATOM   352 C  C   . ASP A 1 51 ? -3.426  1.198   9.978   1.00 20.53 ? 589 ASP A C   1 
ATOM   353 O  O   . ASP A 1 51 ? -2.261  1.285   9.568   1.00 18.78 ? 589 ASP A O   1 
ATOM   354 C  CB  . ASP A 1 51 ? -3.833  -0.344  11.976  1.00 22.31 ? 589 ASP A CB  1 
ATOM   355 C  CG  . ASP A 1 51 ? -4.898  -1.271  12.607  1.00 25.99 ? 589 ASP A CG  1 
ATOM   356 O  OD1 . ASP A 1 51 ? -5.764  -1.828  11.884  1.00 31.41 ? 589 ASP A OD1 1 
ATOM   357 O  OD2 . ASP A 1 51 ? -4.885  -1.432  13.854  1.00 30.70 ? 589 ASP A OD2 1 
ATOM   358 N  N   . ASN A 1 52 ? -4.250  2.237   9.981   1.00 19.69 ? 590 ASN A N   1 
ATOM   359 C  CA  . ASN A 1 52 ? -3.833  3.536   9.445   1.00 19.42 ? 590 ASN A CA  1 
ATOM   360 C  C   . ASN A 1 52 ? -2.625  4.159   10.145  1.00 18.89 ? 590 ASN A C   1 
ATOM   361 O  O   . ASN A 1 52 ? -1.814  4.811   9.492   1.00 17.85 ? 590 ASN A O   1 
ATOM   362 C  CB  . ASN A 1 52 ? -5.012  4.505   9.442   1.00 20.07 ? 590 ASN A CB  1 
ATOM   363 C  CG  . ASN A 1 52 ? -6.055  4.144   8.397   1.00 19.98 ? 590 ASN A CG  1 
ATOM   364 O  OD1 . ASN A 1 52 ? -5.873  3.211   7.618   1.00 21.70 ? 590 ASN A OD1 1 
ATOM   365 N  ND2 . ASN A 1 52 ? -7.161  4.878   8.385   1.00 21.30 ? 590 ASN A ND2 1 
ATOM   366 N  N   . SER A 1 53 ? -2.521  3.992   11.470  1.00 18.07 ? 591 SER A N   1 
ATOM   367 C  CA  . SER A 1 53 ? -1.336  4.459   12.196  1.00 19.16 ? 591 SER A CA  1 
ATOM   368 C  C   . SER A 1 53 ? -0.058  3.794   11.716  1.00 19.84 ? 591 SER A C   1 
ATOM   369 O  O   . SER A 1 53 ? 0.973   4.461   11.540  1.00 20.52 ? 591 SER A O   1 
ATOM   370 C  CB  . SER A 1 53 ? -1.508  4.279   13.704  1.00 19.91 ? 591 SER A CB  1 
ATOM   371 O  OG  . SER A 1 53 ? -2.475  5.195   14.137  1.00 23.27 ? 591 SER A OG  1 
ATOM   372 N  N   . GLU A 1 54 ? -0.129  2.490   11.459  1.00 19.09 ? 592 GLU A N   1 
ATOM   373 C  CA  . GLU A 1 54 ? 1.012   1.769   10.919  1.00 20.64 ? 592 GLU A CA  1 
ATOM   374 C  C   . GLU A 1 54 ? 1.328   2.226   9.496   1.00 19.79 ? 592 GLU A C   1 
ATOM   375 O  O   . GLU A 1 54 ? 2.498   2.331   9.116   1.00 20.80 ? 592 GLU A O   1 
ATOM   376 C  CB  . GLU A 1 54 ? 0.764   0.263   10.997  1.00 20.75 ? 592 GLU A CB  1 
ATOM   377 C  CG  . GLU A 1 54 ? 2.002   -0.556  10.680  1.00 26.91 ? 592 GLU A CG  1 
ATOM   378 C  CD  . GLU A 1 54 ? 1.894   -1.997  11.149  1.00 32.65 ? 592 GLU A CD  1 
ATOM   379 O  OE1 . GLU A 1 54 ? 0.849   -2.374  11.739  1.00 35.94 ? 592 GLU A OE1 1 
ATOM   380 O  OE2 . GLU A 1 54 ? 2.868   -2.753  10.928  1.00 35.91 ? 592 GLU A OE2 1 
ATOM   381 N  N   . LEU A 1 55 ? 0.293   2.508   8.707   1.00 18.76 ? 593 LEU A N   1 
ATOM   382 C  CA  . LEU A 1 55 ? 0.512   3.038   7.352   1.00 17.95 ? 593 LEU A CA  1 
ATOM   383 C  C   . LEU A 1 55 ? 1.195   4.403   7.373   1.00 17.54 ? 593 LEU A C   1 
ATOM   384 O  O   . LEU A 1 55 ? 2.099   4.650   6.547   1.00 17.79 ? 593 LEU A O   1 
ATOM   385 C  CB  . LEU A 1 55 ? -0.812  3.131   6.583   1.00 18.12 ? 593 LEU A CB  1 
ATOM   386 C  CG  . LEU A 1 55 ? -1.397  1.770   6.189   1.00 19.35 ? 593 LEU A CG  1 
ATOM   387 C  CD1 . LEU A 1 55 ? -2.764  1.938   5.578   1.00 19.11 ? 593 LEU A CD1 1 
ATOM   388 C  CD2 . LEU A 1 55 ? -0.427  0.991   5.273   1.00 23.65 ? 593 LEU A CD2 1 
ATOM   389 N  N   . LEU A 1 56 ? 0.771   5.276   8.298   1.00 17.57 ? 594 LEU A N   1 
ATOM   390 C  CA  . LEU A 1 56 ? 1.483   6.548   8.514   1.00 19.20 ? 594 LEU A CA  1 
ATOM   391 C  C   . LEU A 1 56 ? 2.970   6.332   8.830   1.00 19.25 ? 594 LEU A C   1 
ATOM   392 O  O   . LEU A 1 56 ? 3.844   7.025   8.272   1.00 20.45 ? 594 LEU A O   1 
ATOM   393 C  CB  . LEU A 1 56 ? 0.831   7.355   9.634   1.00 19.52 ? 594 LEU A CB  1 
ATOM   394 C  CG  . LEU A 1 56 ? -0.374  8.202   9.294   1.00 22.85 ? 594 LEU A CG  1 
ATOM   395 C  CD1 . LEU A 1 56 ? -0.838  8.919   10.571  1.00 25.54 ? 594 LEU A CD1 1 
ATOM   396 C  CD2 . LEU A 1 56 ? -0.001  9.221   8.197   1.00 24.07 ? 594 LEU A CD2 1 
ATOM   397 N  N   . HIS A 1 57 ? 3.260   5.368   9.714   1.00 18.96 ? 595 HIS A N   1 
ATOM   398 C  CA  . HIS A 1 57 ? 4.650   5.031   10.042  1.00 19.52 ? 595 HIS A CA  1 
ATOM   399 C  C   . HIS A 1 57 ? 5.413   4.598   8.774   1.00 19.40 ? 595 HIS A C   1 
ATOM   400 O  O   . HIS A 1 57 ? 6.563   4.990   8.546   1.00 19.82 ? 595 HIS A O   1 
ATOM   401 C  CB  . HIS A 1 57 ? 4.729   3.925   11.097  1.00 19.32 ? 595 HIS A CB  1 
ATOM   402 C  CG  . HIS A 1 57 ? 6.121   3.452   11.357  1.00 21.12 ? 595 HIS A CG  1 
ATOM   403 N  ND1 . HIS A 1 57 ? 6.476   2.123   11.308  1.00 22.81 ? 595 HIS A ND1 1 
ATOM   404 C  CD2 . HIS A 1 57 ? 7.249   4.133   11.669  1.00 20.34 ? 595 HIS A CD2 1 
ATOM   405 C  CE1 . HIS A 1 57 ? 7.761   2.006   11.583  1.00 20.22 ? 595 HIS A CE1 1 
ATOM   406 N  NE2 . HIS A 1 57 ? 8.253   3.210   11.803  1.00 20.99 ? 595 HIS A NE2 1 
ATOM   407 N  N   . MET A 1 58 ? 4.755   3.813   7.937   1.00 19.96 ? 596 MET A N   1 
ATOM   408 C  CA  . MET A 1 58 ? 5.376   3.343   6.712   1.00 20.98 ? 596 MET A CA  1 
ATOM   409 C  C   . MET A 1 58 ? 5.682   4.502   5.772   1.00 19.43 ? 596 MET A C   1 
ATOM   410 O  O   . MET A 1 58 ? 6.722   4.528   5.108   1.00 19.35 ? 596 MET A O   1 
ATOM   411 C  CB  . MET A 1 58 ? 4.493   2.280   6.073   1.00 20.34 ? 596 MET A CB  1 
ATOM   412 C  CG  . MET A 1 58 ? 4.474   1.003   6.944   1.00 24.32 ? 596 MET A CG  1 
ATOM   413 S  SD  . MET A 1 58 ? 3.046   -0.034  6.609   1.00 28.55 ? 596 MET A SD  1 
ATOM   414 C  CE  . MET A 1 58 ? 3.175   -0.129  4.838   1.00 24.47 ? 596 MET A CE  1 
ATOM   415 N  N   . LEU A 1 59 ? 4.801   5.492   5.757   1.00 19.06 ? 597 LEU A N   1 
ATOM   416 C  CA  . LEU A 1 59 ? 5.040   6.687   4.929   1.00 20.19 ? 597 LEU A CA  1 
ATOM   417 C  C   . LEU A 1 59 ? 6.236   7.514   5.410   1.00 20.46 ? 597 LEU A C   1 
ATOM   418 O  O   . LEU A 1 59 ? 6.908   8.175   4.597   1.00 21.51 ? 597 LEU A O   1 
ATOM   419 C  CB  . LEU A 1 59 ? 3.782   7.544   4.889   1.00 20.55 ? 597 LEU A CB  1 
ATOM   420 C  CG  . LEU A 1 59 ? 2.793   7.106   3.821   1.00 23.69 ? 597 LEU A CG  1 
ATOM   421 C  CD1 . LEU A 1 59 ? 1.472   7.837   4.040   1.00 27.94 ? 597 LEU A CD1 1 
ATOM   422 C  CD2 . LEU A 1 59 ? 3.368   7.438   2.432   1.00 25.14 ? 597 LEU A CD2 1 
ATOM   423 N  N   . GLU A 1 60 ? 6.500   7.453   6.718   1.00 19.20 ? 598 GLU A N   1 
ATOM   424 C  CA  . GLU A 1 60 ? 7.595   8.180   7.371   1.00 20.09 ? 598 GLU A CA  1 
ATOM   425 C  C   . GLU A 1 60 ? 8.920   7.419   7.359   1.00 19.74 ? 598 GLU A C   1 
ATOM   426 O  O   . GLU A 1 60 ? 9.987   8.011   7.559   1.00 21.00 ? 598 GLU A O   1 
ATOM   427 C  CB  . GLU A 1 60 ? 7.219   8.471   8.828   1.00 20.27 ? 598 GLU A CB  1 
ATOM   428 C  CG  . GLU A 1 60 ? 6.012   9.346   8.988   1.00 22.82 ? 598 GLU A CG  1 
ATOM   429 C  CD  . GLU A 1 60 ? 5.676   9.600   10.445  1.00 27.00 ? 598 GLU A CD  1 
ATOM   430 O  OE1 . GLU A 1 60 ? 6.190   8.854   11.314  1.00 28.54 ? 598 GLU A OE1 1 
ATOM   431 O  OE2 . GLU A 1 60 ? 4.886   10.528  10.714  1.00 28.98 ? 598 GLU A OE2 1 
ATOM   432 N  N   . SER A 1 61 ? 8.871   6.114   7.150   1.00 17.94 ? 599 SER A N   1 
ATOM   433 C  CA  . SER A 1 61 ? 10.045  5.277   7.286   1.00 17.43 ? 599 SER A CA  1 
ATOM   434 C  C   . SER A 1 61 ? 10.280  4.432   6.026   1.00 17.01 ? 599 SER A C   1 
ATOM   435 O  O   . SER A 1 61 ? 9.710   3.328   5.891   1.00 16.19 ? 599 SER A O   1 
ATOM   436 C  CB  . SER A 1 61 ? 9.964   4.398   8.532   1.00 18.71 ? 599 SER A CB  1 
ATOM   437 O  OG  . SER A 1 61 ? 11.020  3.446   8.549   1.00 19.64 ? 599 SER A OG  1 
ATOM   438 N  N   . PRO A 1 62 ? 11.087  4.954   5.090   1.00 15.53 ? 600 PRO A N   1 
ATOM   439 C  CA  . PRO A 1 62 ? 11.405  4.182   3.858   1.00 15.23 ? 600 PRO A CA  1 
ATOM   440 C  C   . PRO A 1 62 ? 11.862  2.741   4.116   1.00 15.47 ? 600 PRO A C   1 
ATOM   441 O  O   . PRO A 1 62 ? 11.462  1.840   3.384   1.00 15.21 ? 600 PRO A O   1 
ATOM   442 C  CB  . PRO A 1 62 ? 12.533  5.001   3.215   1.00 15.29 ? 600 PRO A CB  1 
ATOM   443 C  CG  . PRO A 1 62 ? 12.283  6.399   3.683   1.00 15.78 ? 600 PRO A CG  1 
ATOM   444 C  CD  . PRO A 1 62 ? 11.662  6.313   5.056   1.00 16.18 ? 600 PRO A CD  1 
ATOM   445 N  N   . GLU A 1 63 ? 12.686  2.520   5.144   1.00 14.72 ? 601 GLU A N   1 
ATOM   446 C  CA  . GLU A 1 63 ? 13.092  1.133   5.483   1.00 15.83 ? 601 GLU A CA  1 
ATOM   447 C  C   . GLU A 1 63 ? 11.888  0.252   5.846   1.00 15.79 ? 601 GLU A C   1 
ATOM   448 O  O   . GLU A 1 63 ? 11.826  -0.914  5.442   1.00 16.62 ? 601 GLU A O   1 
ATOM   449 C  CB  . GLU A 1 63 ? 14.119  1.134   6.626   1.00 16.83 ? 601 GLU A CB  1 
ATOM   450 C  CG  . GLU A 1 63 ? 15.473  1.615   6.190   1.00 20.93 ? 601 GLU A CG  1 
ATOM   451 C  CD  . GLU A 1 63 ? 16.175  0.635   5.271   1.00 25.33 ? 601 GLU A CD  1 
ATOM   452 O  OE1 . GLU A 1 63 ? 17.225  1.015   4.707   1.00 30.03 ? 601 GLU A OE1 1 
ATOM   453 O  OE2 . GLU A 1 63 ? 15.711  -0.514  5.137   1.00 28.55 ? 601 GLU A OE2 1 
ATOM   454 N  N   . SER A 1 64 ? 10.941  0.815   6.606   1.00 16.15 ? 602 SER A N   1 
ATOM   455 C  CA  A SER A 1 64 ? 9.760   0.060   7.037   0.50 16.03 ? 602 SER A CA  1 
ATOM   456 C  CA  B SER A 1 64 ? 9.742   0.086   7.042   0.50 16.12 ? 602 SER A CA  1 
ATOM   457 C  C   . SER A 1 64 ? 8.883   -0.251  5.839   1.00 16.58 ? 602 SER A C   1 
ATOM   458 O  O   . SER A 1 64 ? 8.396   -1.395  5.667   1.00 16.87 ? 602 SER A O   1 
ATOM   459 C  CB  A SER A 1 64 ? 8.984   0.847   8.096   0.50 16.31 ? 602 SER A CB  1 
ATOM   460 C  CB  B SER A 1 64 ? 8.939   0.941   8.028   0.50 16.28 ? 602 SER A CB  1 
ATOM   461 O  OG  A SER A 1 64 ? 9.695   0.864   9.323   0.50 13.94 ? 602 SER A OG  1 
ATOM   462 O  OG  B SER A 1 64 ? 7.768   0.269   8.454   0.50 14.77 ? 602 SER A OG  1 
ATOM   463 N  N   . LEU A 1 65 ? 8.712   0.743   4.993   1.00 15.26 ? 603 LEU A N   1 
ATOM   464 C  CA  . LEU A 1 65 ? 7.879   0.532   3.806   1.00 15.05 ? 603 LEU A CA  1 
ATOM   465 C  C   . LEU A 1 65 ? 8.506   -0.527  2.928   1.00 15.80 ? 603 LEU A C   1 
ATOM   466 O  O   . LEU A 1 65 ? 7.804   -1.401  2.431   1.00 15.35 ? 603 LEU A O   1 
ATOM   467 C  CB  . LEU A 1 65 ? 7.676   1.838   3.050   1.00 13.99 ? 603 LEU A CB  1 
ATOM   468 C  CG  . LEU A 1 65 ? 6.904   1.663   1.721   1.00 15.23 ? 603 LEU A CG  1 
ATOM   469 C  CD1 . LEU A 1 65 ? 5.495   1.121   2.013   1.00 13.49 ? 603 LEU A CD1 1 
ATOM   470 C  CD2 . LEU A 1 65 ? 6.832   2.968   0.966   1.00 14.48 ? 603 LEU A CD2 1 
ATOM   471 N  N   . ARG A 1 66 ? 9.829   -0.469  2.742   1.00 15.92 ? 604 ARG A N   1 
ATOM   472 C  CA  . ARG A 1 66 ? 10.487  -1.397  1.830   1.00 17.77 ? 604 ARG A CA  1 
ATOM   473 C  C   . ARG A 1 66 ? 10.352  -2.835  2.368   1.00 18.14 ? 604 ARG A C   1 
ATOM   474 O  O   . ARG A 1 66 ? 10.034  -3.758  1.607   1.00 18.80 ? 604 ARG A O   1 
ATOM   475 C  CB  . ARG A 1 66 ? 11.934  -0.977  1.620   1.00 17.71 ? 604 ARG A CB  1 
ATOM   476 C  CG  . ARG A 1 66 ? 12.716  -1.874  0.733   1.00 20.85 ? 604 ARG A CG  1 
ATOM   477 C  CD  . ARG A 1 66 ? 14.112  -1.780  1.224   1.00 24.14 ? 604 ARG A CD  1 
ATOM   478 N  NE  . ARG A 1 66 ? 15.027  -1.718  0.115   1.00 30.39 ? 604 ARG A NE  1 
ATOM   479 C  CZ  . ARG A 1 66 ? 16.335  -1.590  0.258   1.00 25.93 ? 604 ARG A CZ  1 
ATOM   480 N  NH1 . ARG A 1 66 ? 16.863  -1.545  1.473   1.00 29.67 ? 604 ARG A NH1 1 
ATOM   481 N  NH2 . ARG A 1 66 ? 17.097  -1.533  -0.812  1.00 29.08 ? 604 ARG A NH2 1 
ATOM   482 N  N   . SER A 1 67 ? 10.523  -3.024  3.671   1.00 17.59 ? 605 SER A N   1 
ATOM   483 C  CA  . SER A 1 67 ? 10.374  -4.375  4.260   1.00 18.88 ? 605 SER A CA  1 
ATOM   484 C  C   . SER A 1 67 ? 8.944   -4.901  4.023   1.00 18.84 ? 605 SER A C   1 
ATOM   485 O  O   . SER A 1 67 ? 8.770   -6.056  3.610   1.00 19.41 ? 605 SER A O   1 
ATOM   486 C  CB  . SER A 1 67 ? 10.806  -4.441  5.737   1.00 20.81 ? 605 SER A CB  1 
ATOM   487 O  OG  . SER A 1 67 ? 9.906   -3.737  6.583   1.00 26.44 ? 605 SER A OG  1 
ATOM   488 N  N   . LYS A 1 68 ? 7.938   -4.055  4.229   1.00 17.19 ? 606 LYS A N   1 
ATOM   489 C  CA  . LYS A 1 68 ? 6.545   -4.466  4.046   1.00 17.70 ? 606 LYS A CA  1 
ATOM   490 C  C   . LYS A 1 68 ? 6.224   -4.767  2.591   1.00 17.08 ? 606 LYS A C   1 
ATOM   491 O  O   . LYS A 1 68 ? 5.449   -5.684  2.273   1.00 15.89 ? 606 LYS A O   1 
ATOM   492 C  CB  . LYS A 1 68 ? 5.602   -3.388  4.559   1.00 19.05 ? 606 LYS A CB  1 
ATOM   493 C  CG  . LYS A 1 68 ? 4.239   -3.921  4.967   1.00 23.36 ? 606 LYS A CG  1 
ATOM   494 C  CD  . LYS A 1 68 ? 4.302   -5.196  5.828   1.00 27.60 ? 606 LYS A CD  1 
ATOM   495 C  CE  . LYS A 1 68 ? 4.832   -4.934  7.226   1.00 29.55 ? 606 LYS A CE  1 
ATOM   496 N  NZ  . LYS A 1 68 ? 4.666   -6.150  8.115   1.00 32.32 ? 606 LYS A NZ  1 
ATOM   497 N  N   . VAL A 1 69 ? 6.793   -3.969  1.701   1.00 16.39 ? 607 VAL A N   1 
ATOM   498 C  CA  . VAL A 1 69 ? 6.556   -4.211  0.276   1.00 17.22 ? 607 VAL A CA  1 
ATOM   499 C  C   . VAL A 1 69 ? 7.219   -5.534  -0.155  1.00 17.90 ? 607 VAL A C   1 
ATOM   500 O  O   . VAL A 1 69 ? 6.630   -6.310  -0.920  1.00 17.45 ? 607 VAL A O   1 
ATOM   501 C  CB  . VAL A 1 69 ? 7.056   -3.070  -0.577  1.00 17.18 ? 607 VAL A CB  1 
ATOM   502 C  CG1 . VAL A 1 69 ? 7.011   -3.453  -2.075  1.00 15.44 ? 607 VAL A CG1 1 
ATOM   503 C  CG2 . VAL A 1 69 ? 6.198   -1.820  -0.350  1.00 16.28 ? 607 VAL A CG2 1 
ATOM   504 N  N   . ASP A 1 70 ? 8.426   -5.778  0.350   1.00 18.20 ? 608 ASP A N   1 
ATOM   505 C  CA  . ASP A 1 70 ? 9.130   -7.051  0.113   1.00 19.41 ? 608 ASP A CA  1 
ATOM   506 C  C   . ASP A 1 70 ? 8.265   -8.223  0.577   1.00 19.62 ? 608 ASP A C   1 
ATOM   507 O  O   . ASP A 1 70 ? 8.141   -9.230  -0.133  1.00 18.90 ? 608 ASP A O   1 
ATOM   508 C  CB  . ASP A 1 70 ? 10.463  -7.076  0.851   1.00 19.96 ? 608 ASP A CB  1 
ATOM   509 C  CG  . ASP A 1 70 ? 11.519  -6.141  0.243   1.00 23.26 ? 608 ASP A CG  1 
ATOM   510 O  OD1 . ASP A 1 70 ? 11.356  -5.642  -0.894  1.00 25.29 ? 608 ASP A OD1 1 
ATOM   511 O  OD2 . ASP A 1 70 ? 12.560  -5.925  0.911   1.00 26.04 ? 608 ASP A OD2 1 
ATOM   512 N  N   . GLU A 1 71 ? 7.673   -8.090  1.765   1.00 19.15 ? 609 GLU A N   1 
ATOM   513 C  CA  . GLU A 1 71 ? 6.776   -9.127  2.293   1.00 19.53 ? 609 GLU A CA  1 
ATOM   514 C  C   . GLU A 1 71 ? 5.568   -9.344  1.380   1.00 18.79 ? 609 GLU A C   1 
ATOM   515 O  O   . GLU A 1 71 ? 5.186   -10.502 1.063   1.00 18.27 ? 609 GLU A O   1 
ATOM   516 C  CB  . GLU A 1 71 ? 6.272   -8.748  3.679   1.00 20.35 ? 609 GLU A CB  1 
ATOM   517 C  CG  . GLU A 1 71 ? 7.312   -8.877  4.774   1.00 24.98 ? 609 GLU A CG  1 
ATOM   518 C  CD  . GLU A 1 71 ? 6.801   -8.401  6.117   1.00 31.37 ? 609 GLU A CD  1 
ATOM   519 O  OE1 . GLU A 1 71 ? 7.638   -8.182  7.019   1.00 34.63 ? 609 GLU A OE1 1 
ATOM   520 O  OE2 . GLU A 1 71 ? 5.569   -8.253  6.275   1.00 34.13 ? 609 GLU A OE2 1 
ATOM   521 N  N   . ALA A 1 72 ? 4.955   -8.244  0.954   1.00 17.30 ? 610 ALA A N   1 
ATOM   522 C  CA  . ALA A 1 72 ? 3.770   -8.308  0.106   1.00 16.12 ? 610 ALA A CA  1 
ATOM   523 C  C   . ALA A 1 72 ? 4.072   -8.955  -1.250  1.00 15.84 ? 610 ALA A C   1 
ATOM   524 O  O   . ALA A 1 72 ? 3.293   -9.780  -1.724  1.00 15.67 ? 610 ALA A O   1 
ATOM   525 C  CB  . ALA A 1 72 ? 3.184   -6.902  -0.083  1.00 16.13 ? 610 ALA A CB  1 
ATOM   526 N  N   . VAL A 1 73 ? 5.183   -8.587  -1.865  1.00 15.81 ? 611 VAL A N   1 
ATOM   527 C  CA  . VAL A 1 73 ? 5.569   -9.170  -3.169  1.00 16.14 ? 611 VAL A CA  1 
ATOM   528 C  C   . VAL A 1 73 ? 5.817   -10.679 -3.032  1.00 16.60 ? 611 VAL A C   1 
ATOM   529 O  O   . VAL A 1 73 ? 5.372   -11.486 -3.865  1.00 15.91 ? 611 VAL A O   1 
ATOM   530 C  CB  . VAL A 1 73 ? 6.768   -8.413  -3.774  1.00 16.31 ? 611 VAL A CB  1 
ATOM   531 C  CG1 . VAL A 1 73 ? 7.317   -9.154  -5.026  1.00 15.72 ? 611 VAL A CG1 1 
ATOM   532 C  CG2 . VAL A 1 73 ? 6.332   -7.007  -4.151  1.00 15.47 ? 611 VAL A CG2 1 
ATOM   533 N  N   . ALA A 1 74 ? 6.487   -11.062 -1.957  1.00 16.12 ? 612 ALA A N   1 
ATOM   534 C  CA  . ALA A 1 74 ? 6.785   -12.480 -1.713  1.00 16.62 ? 612 ALA A CA  1 
ATOM   535 C  C   . ALA A 1 74 ? 5.490   -13.272 -1.499  1.00 17.41 ? 612 ALA A C   1 
ATOM   536 O  O   . ALA A 1 74 ? 5.338   -14.367 -2.024  1.00 16.89 ? 612 ALA A O   1 
ATOM   537 C  CB  . ALA A 1 74 ? 7.708   -12.616 -0.518  1.00 17.37 ? 612 ALA A CB  1 
ATOM   538 N  N   . VAL A 1 75 ? 4.559   -12.705 -0.739  1.00 16.73 ? 613 VAL A N   1 
ATOM   539 C  CA  . VAL A 1 75 ? 3.226   -13.353 -0.532  1.00 17.67 ? 613 VAL A CA  1 
ATOM   540 C  C   . VAL A 1 75 ? 2.432   -13.458 -1.853  1.00 17.71 ? 613 VAL A C   1 
ATOM   541 O  O   . VAL A 1 75 ? 1.897   -14.519 -2.217  1.00 16.78 ? 613 VAL A O   1 
ATOM   542 C  CB  . VAL A 1 75 ? 2.436   -12.592 0.559   1.00 17.93 ? 613 VAL A CB  1 
ATOM   543 C  CG1 . VAL A 1 75 ? 0.939   -12.934 0.524   1.00 17.72 ? 613 VAL A CG1 1 
ATOM   544 C  CG2 . VAL A 1 75 ? 3.023   -12.905 1.949   1.00 16.87 ? 613 VAL A CG2 1 
ATOM   545 N  N   . LEU A 1 76 ? 2.366   -12.355 -2.572  1.00 17.45 ? 614 LEU A N   1 
ATOM   546 C  CA  . LEU A 1 76 ? 1.643   -12.313 -3.845  1.00 16.55 ? 614 LEU A CA  1 
ATOM   547 C  C   . LEU A 1 76 ? 2.233   -13.329 -4.795  1.00 17.12 ? 614 LEU A C   1 
ATOM   548 O  O   . LEU A 1 76 ? 1.509   -14.117 -5.398  1.00 17.33 ? 614 LEU A O   1 
ATOM   549 C  CB  . LEU A 1 76 ? 1.840   -10.926 -4.437  1.00 17.55 ? 614 LEU A CB  1 
ATOM   550 C  CG  . LEU A 1 76 ? 0.639   -10.203 -4.999  1.00 21.70 ? 614 LEU A CG  1 
ATOM   551 C  CD1 . LEU A 1 76 ? 1.108   -9.162  -6.059  1.00 20.17 ? 614 LEU A CD1 1 
ATOM   552 C  CD2 . LEU A 1 76 ? -0.506  -11.088 -5.472  1.00 18.20 ? 614 LEU A CD2 1 
ATOM   553 N  N   . GLN A 1 77 ? 3.567   -13.364 -4.884  1.00 16.89 ? 615 GLN A N   1 
ATOM   554 C  CA  . GLN A 1 77 ? 4.222   -14.300 -5.802  1.00 17.40 ? 615 GLN A CA  1 
ATOM   555 C  C   . GLN A 1 77 ? 4.057   -15.779 -5.413  1.00 17.53 ? 615 GLN A C   1 
ATOM   556 O  O   . GLN A 1 77 ? 3.881   -16.637 -6.287  1.00 16.40 ? 615 GLN A O   1 
ATOM   557 C  CB  . GLN A 1 77 ? 5.678   -13.926 -5.999  1.00 17.28 ? 615 GLN A CB  1 
ATOM   558 C  CG  . GLN A 1 77 ? 5.800   -12.613 -6.719  1.00 20.78 ? 615 GLN A CG  1 
ATOM   559 C  CD  . GLN A 1 77 ? 7.228   -12.229 -6.992  1.00 26.19 ? 615 GLN A CD  1 
ATOM   560 O  OE1 . GLN A 1 77 ? 8.159   -12.807 -6.429  1.00 26.73 ? 615 GLN A OE1 1 
ATOM   561 N  NE2 . GLN A 1 77 ? 7.412   -11.216 -7.847  1.00 27.66 ? 615 GLN A NE2 1 
ATOM   562 N  N   . ALA A 1 78 ? 4.079   -16.067 -4.116  1.00 16.34 ? 616 ALA A N   1 
ATOM   563 C  CA  . ALA A 1 78 ? 3.816   -17.414 -3.624  1.00 17.36 ? 616 ALA A CA  1 
ATOM   564 C  C   . ALA A 1 78 ? 2.373   -17.861 -3.944  1.00 17.70 ? 616 ALA A C   1 
ATOM   565 O  O   . ALA A 1 78 ? 2.135   -18.993 -4.386  1.00 18.94 ? 616 ALA A O   1 
ATOM   566 C  CB  . ALA A 1 78 ? 4.114   -17.492 -2.119  1.00 16.21 ? 616 ALA A CB  1 
ATOM   567 N  N   . HIS A 1 79 ? 1.420   -16.964 -3.725  1.00 17.60 ? 617 HIS A N   1 
ATOM   568 C  CA  . HIS A 1 79 ? 0.019   -17.208 -4.086  1.00 20.04 ? 617 HIS A CA  1 
ATOM   569 C  C   . HIS A 1 79 ? -0.108  -17.495 -5.585  1.00 21.54 ? 617 HIS A C   1 
ATOM   570 O  O   . HIS A 1 79 ? -0.777  -18.444 -5.983  1.00 21.19 ? 617 HIS A O   1 
ATOM   571 C  CB  . HIS A 1 79 ? -0.838  -16.006 -3.662  1.00 18.92 ? 617 HIS A CB  1 
ATOM   572 C  CG  . HIS A 1 79 ? -2.315  -16.200 -3.853  1.00 18.87 ? 617 HIS A CG  1 
ATOM   573 N  ND1 . HIS A 1 79 ? -3.040  -17.133 -3.149  1.00 18.87 ? 617 HIS A ND1 1 
ATOM   574 C  CD2 . HIS A 1 79 ? -3.202  -15.539 -4.629  1.00 20.28 ? 617 HIS A CD2 1 
ATOM   575 C  CE1 . HIS A 1 79 ? -4.311  -17.067 -3.514  1.00 18.93 ? 617 HIS A CE1 1 
ATOM   576 N  NE2 . HIS A 1 79 ? -4.435  -16.101 -4.406  1.00 16.66 ? 617 HIS A NE2 1 
ATOM   577 N  N   . GLN A 1 80 ? 0.541   -16.661 -6.396  1.00 24.12 ? 618 GLN A N   1 
ATOM   578 C  CA  . GLN A 1 80 ? 0.492   -16.764 -7.848  1.00 26.25 ? 618 GLN A CA  1 
ATOM   579 C  C   . GLN A 1 80 ? 1.040   -18.094 -8.308  1.00 27.24 ? 618 GLN A C   1 
ATOM   580 O  O   . GLN A 1 80 ? 0.530   -18.677 -9.278  1.00 27.60 ? 618 GLN A O   1 
ATOM   581 C  CB  . GLN A 1 80 ? 1.248   -15.591 -8.510  1.00 26.37 ? 618 GLN A CB  1 
ATOM   582 C  CG  . GLN A 1 80 ? 0.480   -14.260 -8.442  1.00 27.91 ? 618 GLN A CG  1 
ATOM   583 C  CD  . GLN A 1 80 ? 1.217   -13.059 -9.056  1.00 28.33 ? 618 GLN A CD  1 
ATOM   584 O  OE1 . GLN A 1 80 ? 2.448   -13.009 -9.073  1.00 34.02 ? 618 GLN A OE1 1 
ATOM   585 N  NE2 . GLN A 1 80 ? 0.456   -12.060 -9.503  1.00 26.02 ? 618 GLN A NE2 1 
ATOM   586 N  N   . ALA A 1 81 ? 2.075   -18.581 -7.618  1.00 28.38 ? 619 ALA A N   1 
ATOM   587 C  CA  . ALA A 1 81 ? 2.649   -19.885 -7.927  1.00 29.66 ? 619 ALA A CA  1 
ATOM   588 C  C   . ALA A 1 81 ? 1.624   -20.994 -7.680  1.00 30.28 ? 619 ALA A C   1 
ATOM   589 O  O   . ALA A 1 81 ? 1.455   -21.905 -8.511  1.00 30.64 ? 619 ALA A O   1 
ATOM   590 C  CB  . ALA A 1 81 ? 3.912   -20.128 -7.111  1.00 29.16 ? 619 ALA A CB  1 
ATOM   591 N  N   . LYS A 1 82 ? 0.925   -20.909 -6.558  1.00 31.45 ? 620 LYS A N   1 
ATOM   592 C  CA  . LYS A 1 82 ? -0.124  -21.880 -6.272  1.00 32.21 ? 620 LYS A CA  1 
ATOM   593 C  C   . LYS A 1 82 ? -1.249  -21.853 -7.311  1.00 32.81 ? 620 LYS A C   1 
ATOM   594 O  O   . LYS A 1 82 ? -1.685  -22.907 -7.792  1.00 32.73 ? 620 LYS A O   1 
ATOM   595 C  CB  . LYS A 1 82 ? -0.687  -21.691 -4.871  1.00 32.32 ? 620 LYS A CB  1 
ATOM   596 C  CG  . LYS A 1 82 ? -1.715  -22.755 -4.507  1.00 32.66 ? 620 LYS A CG  1 
ATOM   597 C  CD  . LYS A 1 82 ? -1.949  -22.793 -3.021  1.00 35.44 ? 620 LYS A CD  1 
ATOM   598 C  CE  . LYS A 1 82 ? -0.958  -23.709 -2.320  1.00 35.79 ? 620 LYS A CE  1 
ATOM   599 N  NZ  . LYS A 1 82 ? -1.417  -23.974 -0.931  1.00 34.32 ? 620 LYS A NZ  1 
ATOM   600 N  N   . GLU A 1 83 ? -1.706  -20.662 -7.678  1.00 33.42 ? 621 GLU A N   1 
ATOM   601 C  CA  . GLU A 1 83 ? -2.752  -20.538 -8.705  1.00 34.05 ? 621 GLU A CA  1 
ATOM   602 C  C   . GLU A 1 83 ? -2.276  -20.941 -10.110 1.00 34.08 ? 621 GLU A C   1 
ATOM   603 O  O   . GLU A 1 83 ? -3.056  -21.517 -10.894 1.00 33.96 ? 621 GLU A O   1 
ATOM   604 C  CB  . GLU A 1 83 ? -3.333  -19.119 -8.703  1.00 34.01 ? 621 GLU A CB  1 
ATOM   605 C  CG  . GLU A 1 83 ? -4.074  -18.776 -7.419  1.00 35.37 ? 621 GLU A CG  1 
ATOM   606 C  CD  . GLU A 1 83 ? -4.652  -17.356 -7.392  1.00 35.76 ? 621 GLU A CD  1 
ATOM   607 O  OE1 . GLU A 1 83 ? -4.020  -16.418 -7.938  1.00 39.66 ? 621 GLU A OE1 1 
ATOM   608 O  OE2 . GLU A 1 83 ? -5.749  -17.187 -6.807  1.00 37.90 ? 621 GLU A OE2 1 
ATOM   609 N  N   . ALA A 1 84 ? -1.012  -20.647 -10.428 1.00 33.94 ? 622 ALA A N   1 
ATOM   610 C  CA  . ALA A 1 84 ? -0.444  -20.952 -11.758 1.00 33.88 ? 622 ALA A CA  1 
ATOM   611 C  C   . ALA A 1 84 ? -0.321  -22.448 -12.014 1.00 34.38 ? 622 ALA A C   1 
ATOM   612 O  O   . ALA A 1 84 ? -0.467  -22.908 -13.152 1.00 33.55 ? 622 ALA A O   1 
ATOM   613 C  CB  . ALA A 1 84 ? 0.912   -20.290 -11.928 1.00 33.85 ? 622 ALA A CB  1 
ATOM   614 N  N   . ALA A 1 85 ? -0.067  -23.192 -10.938 1.00 35.09 ? 623 ALA A N   1 
ATOM   615 C  CA  . ALA A 1 85 ? 0.172   -24.625 -10.980 1.00 35.21 ? 623 ALA A CA  1 
ATOM   616 C  C   . ALA A 1 85 ? -1.110  -25.386 -11.274 1.00 35.62 ? 623 ALA A C   1 
ATOM   617 O  O   . ALA A 1 85 ? -1.097  -26.607 -11.427 1.00 35.88 ? 623 ALA A O   1 
ATOM   618 C  CB  . ALA A 1 85 ? 0.775   -25.088 -9.655  1.00 35.48 ? 623 ALA A CB  1 
ATOM   619 N  N   . THR B 2 2  ? -2.045  -10.118 8.985   1.00 28.62 ? 913 THR B N   1 
ATOM   620 C  CA  . THR B 2 2  ? -1.053  -10.406 7.898   1.00 28.13 ? 913 THR B CA  1 
ATOM   621 C  C   . THR B 2 2  ? -1.649  -10.130 6.516   1.00 27.62 ? 913 THR B C   1 
ATOM   622 O  O   . THR B 2 2  ? -2.852  -9.903  6.384   1.00 28.56 ? 913 THR B O   1 
ATOM   623 C  CB  . THR B 2 2  ? -0.451  -11.847 7.990   1.00 28.50 ? 913 THR B CB  1 
ATOM   624 O  OG1 . THR B 2 2  ? -1.225  -12.772 7.209   1.00 30.70 ? 913 THR B OG1 1 
ATOM   625 C  CG2 . THR B 2 2  ? -0.361  -12.334 9.443   1.00 28.39 ? 913 THR B CG2 1 
ATOM   626 N  N   . LEU B 2 3  ? -0.798  -10.182 5.495   1.00 25.90 ? 914 LEU B N   1 
ATOM   627 C  CA  . LEU B 2 3  ? -1.124  -9.724  4.146   1.00 24.88 ? 914 LEU B CA  1 
ATOM   628 C  C   . LEU B 2 3  ? -1.900  -10.775 3.349   1.00 23.48 ? 914 LEU B C   1 
ATOM   629 O  O   . LEU B 2 3  ? -1.481  -11.928 3.266   1.00 23.11 ? 914 LEU B O   1 
ATOM   630 C  CB  . LEU B 2 3  ? 0.168   -9.354  3.416   1.00 24.44 ? 914 LEU B CB  1 
ATOM   631 C  CG  . LEU B 2 3  ? 1.075   -8.344  4.137   1.00 25.78 ? 914 LEU B CG  1 
ATOM   632 C  CD1 . LEU B 2 3  ? 2.490   -8.354  3.564   1.00 25.68 ? 914 LEU B CD1 1 
ATOM   633 C  CD2 . LEU B 2 3  ? 0.469   -6.954  4.070   1.00 23.71 ? 914 LEU B CD2 1 
ATOM   634 N  N   . ASN B 2 4  ? -3.034  -10.360 2.788   1.00 22.36 ? 915 ASN B N   1 
ATOM   635 C  CA  . ASN B 2 4  ? -3.895  -11.245 2.001   1.00 22.29 ? 915 ASN B CA  1 
ATOM   636 C  C   . ASN B 2 4  ? -3.765  -10.911 0.515   1.00 22.06 ? 915 ASN B C   1 
ATOM   637 O  O   . ASN B 2 4  ? -4.147  -9.798  0.083   1.00 23.39 ? 915 ASN B O   1 
ATOM   638 C  CB  . ASN B 2 4  ? -5.370  -11.111 2.476   1.00 22.30 ? 915 ASN B CB  1 
ATOM   639 C  CG  . ASN B 2 4  ? -6.322  -12.105 1.794   1.00 22.76 ? 915 ASN B CG  1 
ATOM   640 O  OD1 . ASN B 2 4  ? -6.081  -12.537 0.692   1.00 24.82 ? 915 ASN B OD1 1 
ATOM   641 N  ND2 . ASN B 2 4  ? -7.436  -12.429 2.452   1.00 19.94 ? 915 ASN B ND2 1 
ATOM   642 N  N   . PRO B 2 5  ? -3.249  -11.862 -0.280  1.00 22.34 ? 916 PRO B N   1 
ATOM   643 C  CA  . PRO B 2 5  ? -3.042  -11.634 -1.701  1.00 22.29 ? 916 PRO B CA  1 
ATOM   644 C  C   . PRO B 2 5  ? -4.357  -11.517 -2.466  1.00 21.76 ? 916 PRO B C   1 
ATOM   645 O  O   . PRO B 2 5  ? -4.322  -11.205 -3.652  1.00 23.10 ? 916 PRO B O   1 
ATOM   646 C  CB  . PRO B 2 5  ? -2.268  -12.884 -2.151  1.00 21.98 ? 916 PRO B CB  1 
ATOM   647 C  CG  . PRO B 2 5  ? -2.732  -13.941 -1.186  1.00 24.00 ? 916 PRO B CG  1 
ATOM   648 C  CD  . PRO B 2 5  ? -2.828  -13.219 0.112   1.00 23.27 ? 916 PRO B CD  1 
ATOM   649 N  N   . ASN B 2 6  ? -5.495  -11.775 -1.809  1.00 24.01 ? 917 ASN B N   1 
ATOM   650 C  CA  . ASN B 2 6  ? -6.805  -11.558 -2.423  1.00 24.08 ? 917 ASN B CA  1 
ATOM   651 C  C   . ASN B 2 6  ? -7.383  -10.168 -2.188  1.00 24.03 ? 917 ASN B C   1 
ATOM   652 O  O   . ASN B 2 6  ? -8.491  -9.897  -2.575  1.00 24.16 ? 917 ASN B O   1 
ATOM   653 C  CB  . ASN B 2 6  ? -7.799  -12.633 -1.939  1.00 23.51 ? 917 ASN B CB  1 
ATOM   654 C  CG  . ASN B 2 6  ? -7.466  -13.977 -2.466  1.00 24.06 ? 917 ASN B CG  1 
ATOM   655 O  OD1 . ASN B 2 6  ? -7.053  -14.127 -3.629  1.00 22.93 ? 917 ASN B OD1 1 
ATOM   656 N  ND2 . ASN B 2 6  ? -7.680  -14.984 -1.650  1.00 22.38 ? 917 ASN B ND2 1 
ATOM   657 N  N   . ALA B 2 7  ? -6.599  -9.271  -1.595  1.00 25.16 ? 918 ALA B N   1 
ATOM   658 C  CA  . ALA B 2 7  ? -7.063  -7.916  -1.319  1.00 24.93 ? 918 ALA B CA  1 
ATOM   659 C  C   . ALA B 2 7  ? -7.489  -7.143  -2.571  1.00 25.59 ? 918 ALA B C   1 
ATOM   660 O  O   . ALA B 2 7  ? -6.977  -7.381  -3.677  1.00 25.04 ? 918 ALA B O   1 
ATOM   661 C  CB  . ALA B 2 7  ? -5.981  -7.144  -0.579  1.00 25.73 ? 918 ALA B CB  1 
ATOM   662 N  N   . LYS B 2 8  ? -8.440  -6.224  -2.385  1.00 26.13 ? 919 LYS B N   1 
ATOM   663 C  CA  . LYS B 2 8  ? -8.878  -5.315  -3.441  1.00 27.25 ? 919 LYS B CA  1 
ATOM   664 C  C   . LYS B 2 8  ? -7.684  -4.538  -3.980  1.00 27.10 ? 919 LYS B C   1 
ATOM   665 O  O   . LYS B 2 8  ? -6.923  -3.958  -3.199  1.00 27.55 ? 919 LYS B O   1 
ATOM   666 C  CB  . LYS B 2 8  ? -9.846  -4.261  -2.881  1.00 27.72 ? 919 LYS B CB  1 
ATOM   667 C  CG  . LYS B 2 8  ? -11.199 -4.731  -2.455  1.00 30.98 ? 919 LYS B CG  1 
ATOM   668 C  CD  . LYS B 2 8  ? -11.886 -3.655  -1.616  1.00 32.81 ? 919 LYS B CD  1 
ATOM   669 C  CE  . LYS B 2 8  ? -13.346 -3.996  -1.318  1.00 34.34 ? 919 LYS B CE  1 
ATOM   670 N  NZ  . LYS B 2 8  ? -13.497 -5.224  -0.479  1.00 33.95 ? 919 LYS B NZ  1 
ATOM   671 N  N   . GLU B 2 9  ? -7.533  -4.485  -5.298  1.00 26.49 ? 920 GLU B N   1 
ATOM   672 C  CA  . GLU B 2 9  ? -6.516  -3.612  -5.883  1.00 26.98 ? 920 GLU B CA  1 
ATOM   673 C  C   . GLU B 2 9  ? -6.836  -2.139  -5.613  1.00 26.86 ? 920 GLU B C   1 
ATOM   674 O  O   . GLU B 2 9  ? -7.998  -1.738  -5.570  1.00 26.59 ? 920 GLU B O   1 
ATOM   675 C  CB  . GLU B 2 9  ? -6.376  -3.851  -7.386  1.00 27.49 ? 920 GLU B CB  1 
ATOM   676 C  CG  . GLU B 2 9  ? -5.916  -5.267  -7.741  1.00 30.18 ? 920 GLU B CG  1 
ATOM   677 C  CD  . GLU B 2 9  ? -5.378  -5.372  -9.155  1.00 33.75 ? 920 GLU B CD  1 
ATOM   678 O  OE1 . GLU B 2 9  ? -5.143  -6.508  -9.623  1.00 34.72 ? 920 GLU B OE1 1 
ATOM   679 O  OE2 . GLU B 2 9  ? -5.190  -4.310  -9.792  1.00 37.17 ? 920 GLU B OE2 1 
ATOM   680 N  N   . PHE B 2 10 ? -5.780  -1.352  -5.432  1.00 26.50 ? 921 PHE B N   1 
ATOM   681 C  CA  . PHE B 2 10 ? -5.900  0.082   -5.235  1.00 26.06 ? 921 PHE B CA  1 
ATOM   682 C  C   . PHE B 2 10 ? -5.886  0.821   -6.566  1.00 26.69 ? 921 PHE B C   1 
ATOM   683 O  O   . PHE B 2 10 ? -5.054  0.538   -7.426  1.00 27.64 ? 921 PHE B O   1 
ATOM   684 C  CB  . PHE B 2 10 ? -4.736  0.583   -4.372  1.00 26.23 ? 921 PHE B CB  1 
ATOM   685 C  CG  . PHE B 2 10 ? -4.766  2.046   -4.157  1.00 23.46 ? 921 PHE B CG  1 
ATOM   686 C  CD1 . PHE B 2 10 ? -5.675  2.608   -3.272  1.00 23.91 ? 921 PHE B CD1 1 
ATOM   687 C  CD2 . PHE B 2 10 ? -3.917  2.891   -4.896  1.00 24.44 ? 921 PHE B CD2 1 
ATOM   688 C  CE1 . PHE B 2 10 ? -5.723  3.998   -3.102  1.00 22.78 ? 921 PHE B CE1 1 
ATOM   689 C  CE2 . PHE B 2 10 ? -3.962  4.276   -4.736  1.00 24.16 ? 921 PHE B CE2 1 
ATOM   690 C  CZ  . PHE B 2 10 ? -4.881  4.829   -3.840  1.00 23.47 ? 921 PHE B CZ  1 
ATOM   691 N  N   . ASN B 2 11 ? -6.787  1.799   -6.702  1.00 27.27 ? 922 ASN B N   1 
ATOM   692 C  CA  . ASN B 2 11 ? -6.802  2.675   -7.869  1.00 28.50 ? 922 ASN B CA  1 
ATOM   693 C  C   . ASN B 2 11 ? -6.425  4.119   -7.514  1.00 27.95 ? 922 ASN B C   1 
ATOM   694 O  O   . ASN B 2 11 ? -7.161  4.796   -6.791  1.00 28.22 ? 922 ASN B O   1 
ATOM   695 C  CB  . ASN B 2 11 ? -8.159  2.577   -8.570  1.00 29.24 ? 922 ASN B CB  1 
ATOM   696 C  CG  . ASN B 2 11 ? -8.527  1.127   -8.926  1.00 32.07 ? 922 ASN B CG  1 
ATOM   697 O  OD1 . ASN B 2 11 ? -7.704  0.368   -9.461  1.00 35.56 ? 922 ASN B OD1 1 
ATOM   698 N  ND2 . ASN B 2 11 ? -9.765  0.742   -8.628  1.00 34.81 ? 922 ASN B ND2 1 
ATOM   699 N  N   . PRO B 2 12 ? -5.255  4.583   -7.997  1.00 27.64 ? 923 PRO B N   1 
ATOM   700 C  CA  . PRO B 2 12 ? -4.801  5.940   -7.701  1.00 27.57 ? 923 PRO B CA  1 
ATOM   701 C  C   . PRO B 2 12 ? -5.594  6.954   -8.519  1.00 27.59 ? 923 PRO B C   1 
ATOM   702 O  O   . PRO B 2 12 ? -6.277  6.575   -9.491  1.00 26.79 ? 923 PRO B O   1 
ATOM   703 C  CB  . PRO B 2 12 ? -3.348  5.918   -8.169  1.00 28.09 ? 923 PRO B CB  1 
ATOM   704 C  CG  . PRO B 2 12 ? -3.367  4.968   -9.316  1.00 27.69 ? 923 PRO B CG  1 
ATOM   705 C  CD  . PRO B 2 12 ? -4.317  3.872   -8.879  1.00 27.56 ? 923 PRO B CD  1 
ATOM   706 N  N   . ARG B 2 13 ? -5.501  8.222   -8.125  1.00 27.80 ? 924 ARG B N   1 
ATOM   707 C  CA  . ARG B 2 13 ? -6.123  9.313   -8.869  1.00 29.37 ? 924 ARG B CA  1 
ATOM   708 C  C   . ARG B 2 13 ? -5.453  9.467   -10.218 1.00 29.36 ? 924 ARG B C   1 
ATOM   709 O  O   . ARG B 2 13 ? -6.103  9.817   -11.204 1.00 30.52 ? 924 ARG B O   1 
ATOM   710 C  CB  . ARG B 2 13 ? -6.025  10.618  -8.073  1.00 28.96 ? 924 ARG B CB  1 
ATOM   711 C  CG  . ARG B 2 13 ? -6.467  11.859  -8.853  1.00 31.85 ? 924 ARG B CG  1 
ATOM   712 C  CD  . ARG B 2 13 ? -6.892  12.982  -7.937  1.00 34.38 ? 924 ARG B CD  1 
ATOM   713 N  NE  . ARG B 2 13 ? -7.477  14.097  -8.685  1.00 37.41 ? 924 ARG B NE  1 
ATOM   714 C  CZ  . ARG B 2 13 ? -8.768  14.196  -9.007  1.00 39.60 ? 924 ARG B CZ  1 
ATOM   715 N  NH1 . ARG B 2 13 ? -9.626  13.238  -8.660  1.00 40.56 ? 924 ARG B NH1 1 
ATOM   716 N  NH2 . ARG B 2 13 ? -9.207  15.255  -9.676  1.00 39.45 ? 924 ARG B NH2 1 
ATOM   717 N  N   . SER B 2 14 ? -4.141  9.229   -10.241 1.00 30.58 ? 925 SER B N   1 
ATOM   718 C  CA  . SER B 2 14 ? -3.370  9.183   -11.491 1.00 30.09 ? 925 SER B CA  1 
ATOM   719 C  C   . SER B 2 14 ? -2.142  8.269   -11.338 1.00 30.15 ? 925 SER B C   1 
ATOM   720 O  O   . SER B 2 14 ? -1.681  8.034   -10.235 1.00 29.44 ? 925 SER B O   1 
ATOM   721 C  CB  . SER B 2 14 ? -2.937  10.595  -11.924 1.00 30.17 ? 925 SER B CB  1 
ATOM   722 O  OG  . SER B 2 14 ? -1.916  11.128  -11.086 1.00 30.16 ? 925 SER B OG  1 
ATOM   723 N  N   . PHE B 2 15 ? -1.615  7.785   -12.468 1.00 30.71 ? 926 PHE B N   1 
ATOM   724 C  CA  . PHE B 2 15 ? -0.433  6.914   -12.494 1.00 31.18 ? 926 PHE B CA  1 
ATOM   725 C  C   . PHE B 2 15 ? 0.871   7.694   -12.567 1.00 32.63 ? 926 PHE B C   1 
ATOM   726 O  O   . PHE B 2 15 ? 1.935   7.173   -12.216 1.00 32.98 ? 926 PHE B O   1 
ATOM   727 C  CB  . PHE B 2 15 ? -0.508  5.921   -13.659 1.00 31.33 ? 926 PHE B CB  1 
ATOM   728 C  CG  . PHE B 2 15 ? -1.520  4.839   -13.451 1.00 30.29 ? 926 PHE B CG  1 
ATOM   729 C  CD1 . PHE B 2 15 ? -2.739  4.877   -14.109 1.00 31.83 ? 926 PHE B CD1 1 
ATOM   730 C  CD2 . PHE B 2 15 ? -1.267  3.792   -12.571 1.00 28.99 ? 926 PHE B CD2 1 
ATOM   731 C  CE1 . PHE B 2 15 ? -3.684  3.871   -13.891 1.00 32.17 ? 926 PHE B CE1 1 
ATOM   732 C  CE2 . PHE B 2 15 ? -2.222  2.794   -12.334 1.00 30.93 ? 926 PHE B CE2 1 
ATOM   733 C  CZ  . PHE B 2 15 ? -3.422  2.833   -12.996 1.00 31.37 ? 926 PHE B CZ  1 
ATOM   734 N  N   . SER B 2 16 ? 0.781   8.935   -13.046 1.00 33.83 ? 927 SER B N   1 
ATOM   735 C  CA  . SER B 2 16 ? 1.911   9.863   -13.074 1.00 35.27 ? 927 SER B CA  1 
ATOM   736 C  C   . SER B 2 16 ? 2.354   10.198  -11.655 1.00 36.04 ? 927 SER B C   1 
ATOM   737 O  O   . SER B 2 16 ? 3.436   10.753  -11.450 1.00 36.29 ? 927 SER B O   1 
ATOM   738 C  CB  . SER B 2 16 ? 1.561   11.133  -13.850 1.00 35.10 ? 927 SER B CB  1 
ATOM   739 O  OG  . SER B 2 16 ? 0.191   11.466  -13.696 1.00 36.13 ? 927 SER B OG  1 
ATOM   740 N  N   . GLN B 2 17 ? 1.489   9.868   -10.692 1.00 37.24 ? 928 GLN B N   1 
ATOM   741 C  CA  . GLN B 2 17 ? 1.867   9.720   -9.293  1.00 38.15 ? 928 GLN B CA  1 
ATOM   742 C  C   . GLN B 2 17 ? 3.054   8.774   -9.250  1.00 38.04 ? 928 GLN B C   1 
ATOM   743 O  O   . GLN B 2 17 ? 4.211   9.179   -9.117  1.00 38.57 ? 928 GLN B O   1 
ATOM   744 C  CB  . GLN B 2 17 ? 0.716   9.093   -8.485  1.00 38.14 ? 928 GLN B CB  1 
ATOM   745 C  CG  . GLN B 2 17 ? -0.453  10.015  -8.202  1.00 39.02 ? 928 GLN B CG  1 
ATOM   746 C  CD  . GLN B 2 17 ? -1.436  9.432   -7.192  1.00 39.28 ? 928 GLN B CD  1 
ATOM   747 O  OE1 . GLN B 2 17 ? -1.053  9.002   -6.095  1.00 35.97 ? 928 GLN B OE1 1 
ATOM   748 N  NE2 . GLN B 2 17 ? -2.717  9.440   -7.547  1.00 40.19 ? 928 GLN B NE2 1 
ATOM   749 O  OXT . GLN B 2 17 ? 2.867   7.564   -9.373  1.00 38.10 ? 928 GLN B OXT 1 
HETATM 750 CD CD  . CD  C 3 .  ? 11.283  9.789   7.873   1.00 37.93 ? 1   CD  A CD  1 
HETATM 751 S  S   . SO4 D 4 .  ? -1.908  -19.511 -0.848  1.00 51.68 ? 627 SO4 A S   1 
HETATM 752 O  O1  . SO4 D 4 .  ? -2.035  -19.030 0.521   1.00 51.88 ? 627 SO4 A O1  1 
HETATM 753 O  O2  . SO4 D 4 .  ? -1.354  -18.453 -1.675  1.00 51.83 ? 627 SO4 A O2  1 
HETATM 754 O  O3  . SO4 D 4 .  ? -1.008  -20.668 -0.867  1.00 51.12 ? 627 SO4 A O3  1 
HETATM 755 O  O4  . SO4 D 4 .  ? -3.210  -19.908 -1.388  1.00 53.30 ? 627 SO4 A O4  1 
HETATM 756 S  S   . SO4 E 4 .  ? 7.418   -5.654  -10.895 1.00 54.45 ? 2   SO4 A S   1 
HETATM 757 O  O1  . SO4 E 4 .  ? 6.201   -5.224  -10.203 1.00 54.43 ? 2   SO4 A O1  1 
HETATM 758 O  O2  . SO4 E 4 .  ? 7.838   -4.596  -11.797 1.00 55.50 ? 2   SO4 A O2  1 
HETATM 759 O  O3  . SO4 E 4 .  ? 8.479   -5.939  -9.934  1.00 54.58 ? 2   SO4 A O3  1 
HETATM 760 O  O4  . SO4 E 4 .  ? 7.120   -6.873  -11.648 1.00 56.43 ? 2   SO4 A O4  1 
HETATM 761 O  O   . HOH F 5 .  ? 7.459   -15.867 -3.064  1.00 35.06 ? 4   HOH A O   1 
HETATM 762 O  O   . HOH F 5 .  ? -7.593  -1.406  8.387   1.00 43.30 ? 6   HOH A O   1 
HETATM 763 O  O   . HOH F 5 .  ? 8.380   5.934   3.246   1.00 28.31 ? 7   HOH A O   1 
HETATM 764 O  O   . HOH F 5 .  ? -16.206 -0.500  1.489   1.00 57.57 ? 8   HOH A O   1 
HETATM 765 O  O   . HOH F 5 .  ? -7.091  1.674   10.669  1.00 37.99 ? 9   HOH A O   1 
HETATM 766 O  O   . HOH F 5 .  ? -11.618 1.572   6.178   1.00 49.73 ? 11  HOH A O   1 
HETATM 767 O  O   . HOH F 5 .  ? -8.852  2.477   -4.502  1.00 33.42 ? 12  HOH A O   1 
HETATM 768 O  O   . HOH F 5 .  ? 9.814   5.419   0.941   1.00 25.44 ? 13  HOH A O   1 
HETATM 769 O  O   . HOH F 5 .  ? 10.571  2.568   0.831   1.00 23.14 ? 14  HOH A O   1 
HETATM 770 O  O   . HOH F 5 .  ? 15.142  -2.430  7.833   1.00 59.32 ? 17  HOH A O   1 
HETATM 771 O  O   . HOH F 5 .  ? -7.240  -3.075  0.327   1.00 38.42 ? 18  HOH A O   1 
HETATM 772 O  O   . HOH F 5 .  ? 12.765  -3.117  8.387   1.00 63.10 ? 20  HOH A O   1 
HETATM 773 O  O   . HOH F 5 .  ? 10.239  -9.895  -1.791  1.00 38.04 ? 23  HOH A O   1 
HETATM 774 O  O   . HOH F 5 .  ? 4.194   9.835   -1.918  1.00 45.90 ? 25  HOH A O   1 
HETATM 775 O  O   . HOH F 5 .  ? 10.946  7.694   -0.043  1.00 24.84 ? 26  HOH A O   1 
HETATM 776 O  O   . HOH F 5 .  ? -8.736  -8.534  -6.362  1.00 49.12 ? 27  HOH A O   1 
HETATM 777 O  O   . HOH F 5 .  ? -0.336  -1.369  -10.993 1.00 39.38 ? 28  HOH A O   1 
HETATM 778 O  O   . HOH F 5 .  ? 3.833   -22.838 -9.735  1.00 46.44 ? 31  HOH A O   1 
HETATM 779 O  O   . HOH F 5 .  ? 6.026   10.685  -4.502  0.50 50.88 ? 33  HOH A O   1 
HETATM 780 O  O   . HOH F 5 .  ? -3.344  11.921  0.049   1.00 34.23 ? 628 HOH A O   1 
HETATM 781 O  O   . HOH F 5 .  ? -2.062  -3.362  11.253  1.00 41.35 ? 629 HOH A O   1 
HETATM 782 O  O   . HOH G 5 .  ? -3.798  -12.709 -6.131  1.00 36.14 ? 3   HOH B O   1 
HETATM 783 O  O   . HOH G 5 .  ? -9.790  -11.165 -4.845  1.00 28.97 ? 5   HOH B O   1 
HETATM 784 O  O   . HOH G 5 .  ? -7.442  -11.897 -5.830  1.00 38.86 ? 10  HOH B O   1 
HETATM 785 O  O   . HOH G 5 .  ? -7.844  -17.389 -3.768  1.00 28.83 ? 30  HOH B O   1 
HETATM 786 O  O   . HOH G 5 .  ? -9.506  -6.267  -7.107  1.00 41.01 ? 35  HOH B O   1 
# 
loop_
_pdbx_poly_seq_scheme.asym_id 
_pdbx_poly_seq_scheme.entity_id 
_pdbx_poly_seq_scheme.seq_id 
_pdbx_poly_seq_scheme.mon_id 
_pdbx_poly_seq_scheme.ndb_seq_num 
_pdbx_poly_seq_scheme.pdb_seq_num 
_pdbx_poly_seq_scheme.auth_seq_num 
_pdbx_poly_seq_scheme.pdb_mon_id 
_pdbx_poly_seq_scheme.auth_mon_id 
_pdbx_poly_seq_scheme.pdb_strand_id 
_pdbx_poly_seq_scheme.pdb_ins_code 
_pdbx_poly_seq_scheme.hetero 
A 1 1  GLY 1  539 ?   ?   ?   A . n 
A 1 2  PRO 2  540 ?   ?   ?   A . n 
A 1 3  LEU 3  541 ?   ?   ?   A . n 
A 1 4  GLY 4  542 ?   ?   ?   A . n 
A 1 5  SER 5  543 543 SER SER A . n 
A 1 6  PRO 6  544 544 PRO PRO A . n 
A 1 7  LEU 7  545 545 LEU LEU A . n 
A 1 8  THR 8  546 546 THR THR A . n 
A 1 9  ALA 9  547 547 ALA ALA A . n 
A 1 10 SER 10 548 548 SER SER A . n 
A 1 11 MET 11 549 549 MET MET A . n 
A 1 12 LEU 12 550 550 LEU LEU A . n 
A 1 13 ALA 13 551 551 ALA ALA A . n 
A 1 14 SER 14 552 552 SER SER A . n 
A 1 15 ALA 15 553 553 ALA ALA A . n 
A 1 16 PRO 16 554 554 PRO PRO A . n 
A 1 17 PRO 17 555 555 PRO PRO A . n 
A 1 18 GLN 18 556 556 GLN GLN A . n 
A 1 19 GLU 19 557 557 GLU GLU A . n 
A 1 20 GLN 20 558 558 GLN GLN A . n 
A 1 21 LYS 21 559 559 LYS LYS A . n 
A 1 22 GLN 22 560 560 GLN GLN A . n 
A 1 23 MET 23 561 561 MET MET A . n 
A 1 24 LEU 24 562 562 LEU LEU A . n 
A 1 25 GLY 25 563 563 GLY GLY A . n 
A 1 26 GLU 26 564 564 GLU GLU A . n 
A 1 27 ARG 27 565 565 ARG ARG A . n 
A 1 28 LEU 28 566 566 LEU LEU A . n 
A 1 29 PHE 29 567 567 PHE PHE A . n 
A 1 30 PRO 30 568 568 PRO PRO A . n 
A 1 31 LEU 31 569 569 LEU LEU A . n 
A 1 32 ILE 32 570 570 ILE ILE A . n 
A 1 33 GLN 33 571 571 GLN GLN A . n 
A 1 34 ALA 34 572 572 ALA ALA A . n 
A 1 35 MET 35 573 573 MET MET A . n 
A 1 36 HIS 36 574 574 HIS HIS A . n 
A 1 37 PRO 37 575 575 PRO PRO A . n 
A 1 38 THR 38 576 576 THR THR A . n 
A 1 39 LEU 39 577 577 LEU LEU A . n 
A 1 40 ALA 40 578 578 ALA ALA A . n 
A 1 41 GLY 41 579 579 GLY GLY A . n 
A 1 42 LYS 42 580 580 LYS LYS A . n 
A 1 43 ILE 43 581 581 ILE ILE A . n 
A 1 44 THR 44 582 582 THR THR A . n 
A 1 45 GLY 45 583 583 GLY GLY A . n 
A 1 46 MET 46 584 584 MET MET A . n 
A 1 47 LEU 47 585 585 LEU LEU A . n 
A 1 48 LEU 48 586 586 LEU LEU A . n 
A 1 49 GLU 49 587 587 GLU GLU A . n 
A 1 50 ILE 50 588 588 ILE ILE A . n 
A 1 51 ASP 51 589 589 ASP ASP A . n 
A 1 52 ASN 52 590 590 ASN ASN A . n 
A 1 53 SER 53 591 591 SER SER A . n 
A 1 54 GLU 54 592 592 GLU GLU A . n 
A 1 55 LEU 55 593 593 LEU LEU A . n 
A 1 56 LEU 56 594 594 LEU LEU A . n 
A 1 57 HIS 57 595 595 HIS HIS A . n 
A 1 58 MET 58 596 596 MET MET A . n 
A 1 59 LEU 59 597 597 LEU LEU A . n 
A 1 60 GLU 60 598 598 GLU GLU A . n 
A 1 61 SER 61 599 599 SER SER A . n 
A 1 62 PRO 62 600 600 PRO PRO A . n 
A 1 63 GLU 63 601 601 GLU GLU A . n 
A 1 64 SER 64 602 602 SER SER A . n 
A 1 65 LEU 65 603 603 LEU LEU A . n 
A 1 66 ARG 66 604 604 ARG ARG A . n 
A 1 67 SER 67 605 605 SER SER A . n 
A 1 68 LYS 68 606 606 LYS LYS A . n 
A 1 69 VAL 69 607 607 VAL VAL A . n 
A 1 70 ASP 70 608 608 ASP ASP A . n 
A 1 71 GLU 71 609 609 GLU GLU A . n 
A 1 72 ALA 72 610 610 ALA ALA A . n 
A 1 73 VAL 73 611 611 VAL VAL A . n 
A 1 74 ALA 74 612 612 ALA ALA A . n 
A 1 75 VAL 75 613 613 VAL VAL A . n 
A 1 76 LEU 76 614 614 LEU LEU A . n 
A 1 77 GLN 77 615 615 GLN GLN A . n 
A 1 78 ALA 78 616 616 ALA ALA A . n 
A 1 79 HIS 79 617 617 HIS HIS A . n 
A 1 80 GLN 80 618 618 GLN GLN A . n 
A 1 81 ALA 81 619 619 ALA ALA A . n 
A 1 82 LYS 82 620 620 LYS LYS A . n 
A 1 83 GLU 83 621 621 GLU GLU A . n 
A 1 84 ALA 84 622 622 ALA ALA A . n 
A 1 85 ALA 85 623 623 ALA ALA A . n 
A 1 86 GLN 86 624 ?   ?   ?   A . n 
A 1 87 LYS 87 625 ?   ?   ?   A . n 
A 1 88 ALA 88 626 ?   ?   ?   A . n 
B 2 1  SER 1  912 ?   ?   ?   B . n 
B 2 2  THR 2  913 913 THR THR B . n 
B 2 3  LEU 3  914 914 LEU LEU B . n 
B 2 4  ASN 4  915 915 ASN ASN B . n 
B 2 5  PRO 5  916 916 PRO PRO B . n 
B 2 6  ASN 6  917 917 ASN ASN B . n 
B 2 7  ALA 7  918 918 ALA ALA B . n 
B 2 8  LYS 8  919 919 LYS LYS B . n 
B 2 9  GLU 9  920 920 GLU GLU B . n 
B 2 10 PHE 10 921 921 PHE PHE B . n 
B 2 11 ASN 11 922 922 ASN ASN B . n 
B 2 12 PRO 12 923 923 PRO PRO B . n 
B 2 13 ARG 13 924 924 ARG ARG B . n 
B 2 14 SER 14 925 925 SER SER B . n 
B 2 15 PHE 15 926 926 PHE PHE B . n 
B 2 16 SER 16 927 927 SER SER B . n 
B 2 17 GLN 17 928 928 GLN GLN B . n 
# 
loop_
_pdbx_nonpoly_scheme.asym_id 
_pdbx_nonpoly_scheme.entity_id 
_pdbx_nonpoly_scheme.mon_id 
_pdbx_nonpoly_scheme.ndb_seq_num 
_pdbx_nonpoly_scheme.pdb_seq_num 
_pdbx_nonpoly_scheme.auth_seq_num 
_pdbx_nonpoly_scheme.pdb_mon_id 
_pdbx_nonpoly_scheme.auth_mon_id 
_pdbx_nonpoly_scheme.pdb_strand_id 
_pdbx_nonpoly_scheme.pdb_ins_code 
C 3 CD  1  1   1  CD  CD  A . 
D 4 SO4 1  627 1  SO4 SO4 A . 
E 4 SO4 1  2   2  SO4 SO4 A . 
F 5 HOH 1  4   4  HOH HOH A . 
F 5 HOH 2  6   6  HOH HOH A . 
F 5 HOH 3  7   7  HOH HOH A . 
F 5 HOH 4  8   8  HOH HOH A . 
F 5 HOH 5  9   9  HOH HOH A . 
F 5 HOH 6  11  11 HOH HOH A . 
F 5 HOH 7  12  12 HOH HOH A . 
F 5 HOH 8  13  13 HOH HOH A . 
F 5 HOH 9  14  14 HOH HOH A . 
F 5 HOH 10 17  17 HOH HOH A . 
F 5 HOH 11 18  18 HOH HOH A . 
F 5 HOH 12 20  20 HOH HOH A . 
F 5 HOH 13 23  23 HOH HOH A . 
F 5 HOH 14 25  25 HOH HOH A . 
F 5 HOH 15 26  26 HOH HOH A . 
F 5 HOH 16 27  27 HOH HOH A . 
F 5 HOH 17 28  28 HOH HOH A . 
F 5 HOH 18 31  31 HOH HOH A . 
F 5 HOH 19 33  33 HOH HOH A . 
F 5 HOH 20 628 1  HOH HOH A . 
F 5 HOH 21 629 2  HOH HOH A . 
G 5 HOH 1  3   3  HOH HOH B . 
G 5 HOH 2  5   5  HOH HOH B . 
G 5 HOH 3  10  10 HOH HOH B . 
G 5 HOH 4  30  30 HOH HOH B . 
G 5 HOH 5  35  35 HOH HOH B . 
# 
_pdbx_struct_assembly.id                   1 
_pdbx_struct_assembly.details              author_and_software_defined_assembly 
_pdbx_struct_assembly.method_details       PISA 
_pdbx_struct_assembly.oligomeric_details   dimeric 
_pdbx_struct_assembly.oligomeric_count     2 
# 
_pdbx_struct_assembly_gen.assembly_id       1 
_pdbx_struct_assembly_gen.oper_expression   1 
_pdbx_struct_assembly_gen.asym_id_list      A,B,C,D,E,F,G 
# 
loop_
_pdbx_struct_assembly_prop.biol_id 
_pdbx_struct_assembly_prop.type 
_pdbx_struct_assembly_prop.value 
_pdbx_struct_assembly_prop.details 
1 'ABSA (A^2)' 1730 ? 
1 MORE         -31  ? 
1 'SSA (A^2)'  6270 ? 
# 
_pdbx_struct_oper_list.id                   1 
_pdbx_struct_oper_list.type                 'identity operation' 
_pdbx_struct_oper_list.name                 1_555 
_pdbx_struct_oper_list.symmetry_operation   x,y,z 
_pdbx_struct_oper_list.matrix[1][1]         1.0000000000 
_pdbx_struct_oper_list.matrix[1][2]         0.0000000000 
_pdbx_struct_oper_list.matrix[1][3]         0.0000000000 
_pdbx_struct_oper_list.vector[1]            0.0000000000 
_pdbx_struct_oper_list.matrix[2][1]         0.0000000000 
_pdbx_struct_oper_list.matrix[2][2]         1.0000000000 
_pdbx_struct_oper_list.matrix[2][3]         0.0000000000 
_pdbx_struct_oper_list.vector[2]            0.0000000000 
_pdbx_struct_oper_list.matrix[3][1]         0.0000000000 
_pdbx_struct_oper_list.matrix[3][2]         0.0000000000 
_pdbx_struct_oper_list.matrix[3][3]         1.0000000000 
_pdbx_struct_oper_list.vector[3]            0.0000000000 
# 
loop_
_pdbx_audit_revision_history.ordinal 
_pdbx_audit_revision_history.data_content_type 
_pdbx_audit_revision_history.major_revision 
_pdbx_audit_revision_history.minor_revision 
_pdbx_audit_revision_history.revision_date 
1 'Structure model' 1 0 2010-02-23 
2 'Structure model' 1 1 2011-07-13 
3 'Structure model' 1 2 2023-09-06 
# 
_pdbx_audit_revision_details.ordinal             1 
_pdbx_audit_revision_details.revision_ordinal    1 
_pdbx_audit_revision_details.data_content_type   'Structure model' 
_pdbx_audit_revision_details.provider            repository 
_pdbx_audit_revision_details.type                'Initial release' 
_pdbx_audit_revision_details.description         ? 
_pdbx_audit_revision_details.details             ? 
# 
loop_
_pdbx_audit_revision_group.ordinal 
_pdbx_audit_revision_group.revision_ordinal 
_pdbx_audit_revision_group.data_content_type 
_pdbx_audit_revision_group.group 
1 2 'Structure model' 'Version format compliance' 
2 3 'Structure model' 'Data collection'           
3 3 'Structure model' 'Database references'       
4 3 'Structure model' 'Derived calculations'      
5 3 'Structure model' 'Refinement description'    
# 
loop_
_pdbx_audit_revision_category.ordinal 
_pdbx_audit_revision_category.revision_ordinal 
_pdbx_audit_revision_category.data_content_type 
_pdbx_audit_revision_category.category 
1 3 'Structure model' chem_comp_atom                
2 3 'Structure model' chem_comp_bond                
3 3 'Structure model' database_2                    
4 3 'Structure model' pdbx_initial_refinement_model 
5 3 'Structure model' struct_ref_seq_dif            
6 3 'Structure model' struct_site                   
# 
loop_
_pdbx_audit_revision_item.ordinal 
_pdbx_audit_revision_item.revision_ordinal 
_pdbx_audit_revision_item.data_content_type 
_pdbx_audit_revision_item.item 
1 3 'Structure model' '_database_2.pdbx_DOI'                
2 3 'Structure model' '_database_2.pdbx_database_accession' 
3 3 'Structure model' '_struct_ref_seq_dif.details'         
4 3 'Structure model' '_struct_site.pdbx_auth_asym_id'      
5 3 'Structure model' '_struct_site.pdbx_auth_comp_id'      
6 3 'Structure model' '_struct_site.pdbx_auth_seq_id'       
# 
loop_
_pdbx_refine_tls.pdbx_refine_id 
_pdbx_refine_tls.id 
_pdbx_refine_tls.details 
_pdbx_refine_tls.method 
_pdbx_refine_tls.origin_x 
_pdbx_refine_tls.origin_y 
_pdbx_refine_tls.origin_z 
_pdbx_refine_tls.T[1][1] 
_pdbx_refine_tls.T[2][2] 
_pdbx_refine_tls.T[3][3] 
_pdbx_refine_tls.T[1][2] 
_pdbx_refine_tls.T[1][3] 
_pdbx_refine_tls.T[2][3] 
_pdbx_refine_tls.L[1][1] 
_pdbx_refine_tls.L[2][2] 
_pdbx_refine_tls.L[3][3] 
_pdbx_refine_tls.L[1][2] 
_pdbx_refine_tls.L[1][3] 
_pdbx_refine_tls.L[2][3] 
_pdbx_refine_tls.S[1][1] 
_pdbx_refine_tls.S[1][2] 
_pdbx_refine_tls.S[1][3] 
_pdbx_refine_tls.S[2][1] 
_pdbx_refine_tls.S[2][2] 
_pdbx_refine_tls.S[2][3] 
_pdbx_refine_tls.S[3][1] 
_pdbx_refine_tls.S[3][2] 
_pdbx_refine_tls.S[3][3] 
'X-RAY DIFFRACTION' 1 ? refined -5.5189 13.4436  7.1456   -0.0153 -0.0023 -0.0296 0.0204  0.0100  -0.0539 39.5538 14.3821 9.1725  11.9899  -3.4869  2.4235   -0.0075 -1.2008 2.8279  0.1580  0.1115  0.5528  -0.1644 0.8002  -0.1040 
'X-RAY DIFFRACTION' 2 ? refined -6.4829 7.3983   1.6099   0.1030  0.0435  0.0384  0.0173  -0.0067 0.0128  15.5213 4.5108  10.7273 -2.8573  -5.1252  -1.7174  0.0877  -0.0657 -0.1752 0.1173  0.0473  0.1449  -0.2585 -0.2061 -0.1351 
'X-RAY DIFFRACTION' 3 ? refined 2.7648  -0.8243  -5.1402  0.0528  0.0569  0.0588  -0.0044 -0.0140 0.0008  2.3576  2.4624  3.3448  1.3841   -1.6327  -1.3830  -0.0939 0.0476  -0.2576 -0.1689 0.0643  -0.0960 0.0857  0.0919  0.0295  
'X-RAY DIFFRACTION' 4 ? refined -0.2049 1.8876   7.8560   0.1034  0.0508  0.0159  0.0093  -0.0026 0.0212  9.3115  5.6987  5.3933  2.8177   0.0934   1.9701   0.0551  -0.3244 -0.1745 0.1796  0.0385  -0.0108 0.1424  0.0955  -0.0936 
'X-RAY DIFFRACTION' 5 ? refined 7.0579  -5.4286  1.4165   0.0626  0.0714  0.0633  0.0054  -0.0424 0.0156  3.7014  20.8520 4.8588  8.5166   2.9683   8.3470   0.1625  -0.1848 -0.1214 0.2639  -0.1629 -0.2622 0.0565  -0.0312 0.0004  
'X-RAY DIFFRACTION' 6 ? refined -0.4657 -20.1086 -8.3612  0.0616  0.1166  -0.0605 -0.0569 -0.0210 -0.0659 17.1794 34.4695 26.0780 13.5495  4.8880   13.3037  -0.1694 0.9837  -0.5553 -0.2056 -0.2448 0.1190  0.6986  -1.1004 0.4142  
'X-RAY DIFFRACTION' 7 ? refined -3.8411 -10.8738 1.3756   0.0417  0.0346  0.0423  -0.0097 0.0221  -0.0035 21.4487 16.4532 11.8375 2.5226   13.4221  -1.4021  -0.4778 -0.7130 0.5576  0.7335  -0.0444 0.1053  -0.2856 -0.2278 0.5222  
'X-RAY DIFFRACTION' 8 ? refined -6.7895 -0.0433  -5.9906  0.0331  0.0404  0.0979  0.0468  -0.0837 -0.0541 4.8709  65.6165 7.6473  4.2043   -2.1404  -19.2792 0.1391  0.5554  -0.7022 -1.2850 0.0196  1.2398  0.2602  -0.6747 -0.1587 
'X-RAY DIFFRACTION' 9 ? refined -2.0323 9.0341   -10.6816 0.1131  0.0291  0.0123  -0.0149 -0.0294 -0.0188 36.4004 21.7956 33.4379 -22.9729 -14.2364 11.3704  -0.4861 -0.5399 1.7410  0.7523  0.8160  -0.9433 -1.3027 1.1377  -0.3299  
# 
loop_
_pdbx_refine_tls_group.pdbx_refine_id 
_pdbx_refine_tls_group.id 
_pdbx_refine_tls_group.refine_tls_id 
_pdbx_refine_tls_group.beg_auth_asym_id 
_pdbx_refine_tls_group.beg_auth_seq_id 
_pdbx_refine_tls_group.beg_label_asym_id 
_pdbx_refine_tls_group.beg_label_seq_id 
_pdbx_refine_tls_group.end_auth_asym_id 
_pdbx_refine_tls_group.end_auth_seq_id 
_pdbx_refine_tls_group.end_label_asym_id 
_pdbx_refine_tls_group.end_label_seq_id 
_pdbx_refine_tls_group.selection 
_pdbx_refine_tls_group.selection_details 
'X-RAY DIFFRACTION' 1 1 A 543 ? ? A 555 ? ? ? ? 
'X-RAY DIFFRACTION' 2 2 A 556 ? ? A 565 ? ? ? ? 
'X-RAY DIFFRACTION' 3 3 A 566 ? ? A 585 ? ? ? ? 
'X-RAY DIFFRACTION' 4 4 A 586 ? ? A 597 ? ? ? ? 
'X-RAY DIFFRACTION' 5 5 A 598 ? ? A 617 ? ? ? ? 
'X-RAY DIFFRACTION' 6 6 A 618 ? ? A 623 ? ? ? ? 
'X-RAY DIFFRACTION' 7 7 C 914 ? ? A 919 ? ? ? ? 
'X-RAY DIFFRACTION' 8 8 C 920 ? ? A 924 ? ? ? ? 
'X-RAY DIFFRACTION' 9 9 C 925 ? ? A 929 ? ? ? ? 
# 
loop_
_software.name 
_software.classification 
_software.version 
_software.citation_id 
_software.pdbx_ordinal 
ADSC     'data collection' Quantum  ? 1 
PHASER   phasing           .        ? 2 
REFMAC   refinement        5.2.0019 ? 3 
HKL-2000 'data reduction'  .        ? 4 
HKL-2000 'data scaling'    .        ? 5 
# 
loop_
_pdbx_unobs_or_zero_occ_residues.id 
_pdbx_unobs_or_zero_occ_residues.PDB_model_num 
_pdbx_unobs_or_zero_occ_residues.polymer_flag 
_pdbx_unobs_or_zero_occ_residues.occupancy_flag 
_pdbx_unobs_or_zero_occ_residues.auth_asym_id 
_pdbx_unobs_or_zero_occ_residues.auth_comp_id 
_pdbx_unobs_or_zero_occ_residues.auth_seq_id 
_pdbx_unobs_or_zero_occ_residues.PDB_ins_code 
_pdbx_unobs_or_zero_occ_residues.label_asym_id 
_pdbx_unobs_or_zero_occ_residues.label_comp_id 
_pdbx_unobs_or_zero_occ_residues.label_seq_id 
1 1 Y 1 A GLY 539 ? A GLY 1  
2 1 Y 1 A PRO 540 ? A PRO 2  
3 1 Y 1 A LEU 541 ? A LEU 3  
4 1 Y 1 A GLY 542 ? A GLY 4  
5 1 Y 1 A GLN 624 ? A GLN 86 
6 1 Y 1 A LYS 625 ? A LYS 87 
7 1 Y 1 A ALA 626 ? A ALA 88 
8 1 Y 1 B SER 912 ? B SER 1  
# 
loop_
_chem_comp_atom.comp_id 
_chem_comp_atom.atom_id 
_chem_comp_atom.type_symbol 
_chem_comp_atom.pdbx_aromatic_flag 
_chem_comp_atom.pdbx_stereo_config 
_chem_comp_atom.pdbx_ordinal 
ALA N    N  N N 1   
ALA CA   C  N S 2   
ALA C    C  N N 3   
ALA O    O  N N 4   
ALA CB   C  N N 5   
ALA OXT  O  N N 6   
ALA H    H  N N 7   
ALA H2   H  N N 8   
ALA HA   H  N N 9   
ALA HB1  H  N N 10  
ALA HB2  H  N N 11  
ALA HB3  H  N N 12  
ALA HXT  H  N N 13  
ARG N    N  N N 14  
ARG CA   C  N S 15  
ARG C    C  N N 16  
ARG O    O  N N 17  
ARG CB   C  N N 18  
ARG CG   C  N N 19  
ARG CD   C  N N 20  
ARG NE   N  N N 21  
ARG CZ   C  N N 22  
ARG NH1  N  N N 23  
ARG NH2  N  N N 24  
ARG OXT  O  N N 25  
ARG H    H  N N 26  
ARG H2   H  N N 27  
ARG HA   H  N N 28  
ARG HB2  H  N N 29  
ARG HB3  H  N N 30  
ARG HG2  H  N N 31  
ARG HG3  H  N N 32  
ARG HD2  H  N N 33  
ARG HD3  H  N N 34  
ARG HE   H  N N 35  
ARG HH11 H  N N 36  
ARG HH12 H  N N 37  
ARG HH21 H  N N 38  
ARG HH22 H  N N 39  
ARG HXT  H  N N 40  
ASN N    N  N N 41  
ASN CA   C  N S 42  
ASN C    C  N N 43  
ASN O    O  N N 44  
ASN CB   C  N N 45  
ASN CG   C  N N 46  
ASN OD1  O  N N 47  
ASN ND2  N  N N 48  
ASN OXT  O  N N 49  
ASN H    H  N N 50  
ASN H2   H  N N 51  
ASN HA   H  N N 52  
ASN HB2  H  N N 53  
ASN HB3  H  N N 54  
ASN HD21 H  N N 55  
ASN HD22 H  N N 56  
ASN HXT  H  N N 57  
ASP N    N  N N 58  
ASP CA   C  N S 59  
ASP C    C  N N 60  
ASP O    O  N N 61  
ASP CB   C  N N 62  
ASP CG   C  N N 63  
ASP OD1  O  N N 64  
ASP OD2  O  N N 65  
ASP OXT  O  N N 66  
ASP H    H  N N 67  
ASP H2   H  N N 68  
ASP HA   H  N N 69  
ASP HB2  H  N N 70  
ASP HB3  H  N N 71  
ASP HD2  H  N N 72  
ASP HXT  H  N N 73  
CD  CD   CD N N 74  
GLN N    N  N N 75  
GLN CA   C  N S 76  
GLN C    C  N N 77  
GLN O    O  N N 78  
GLN CB   C  N N 79  
GLN CG   C  N N 80  
GLN CD   C  N N 81  
GLN OE1  O  N N 82  
GLN NE2  N  N N 83  
GLN OXT  O  N N 84  
GLN H    H  N N 85  
GLN H2   H  N N 86  
GLN HA   H  N N 87  
GLN HB2  H  N N 88  
GLN HB3  H  N N 89  
GLN HG2  H  N N 90  
GLN HG3  H  N N 91  
GLN HE21 H  N N 92  
GLN HE22 H  N N 93  
GLN HXT  H  N N 94  
GLU N    N  N N 95  
GLU CA   C  N S 96  
GLU C    C  N N 97  
GLU O    O  N N 98  
GLU CB   C  N N 99  
GLU CG   C  N N 100 
GLU CD   C  N N 101 
GLU OE1  O  N N 102 
GLU OE2  O  N N 103 
GLU OXT  O  N N 104 
GLU H    H  N N 105 
GLU H2   H  N N 106 
GLU HA   H  N N 107 
GLU HB2  H  N N 108 
GLU HB3  H  N N 109 
GLU HG2  H  N N 110 
GLU HG3  H  N N 111 
GLU HE2  H  N N 112 
GLU HXT  H  N N 113 
GLY N    N  N N 114 
GLY CA   C  N N 115 
GLY C    C  N N 116 
GLY O    O  N N 117 
GLY OXT  O  N N 118 
GLY H    H  N N 119 
GLY H2   H  N N 120 
GLY HA2  H  N N 121 
GLY HA3  H  N N 122 
GLY HXT  H  N N 123 
HIS N    N  N N 124 
HIS CA   C  N S 125 
HIS C    C  N N 126 
HIS O    O  N N 127 
HIS CB   C  N N 128 
HIS CG   C  Y N 129 
HIS ND1  N  Y N 130 
HIS CD2  C  Y N 131 
HIS CE1  C  Y N 132 
HIS NE2  N  Y N 133 
HIS OXT  O  N N 134 
HIS H    H  N N 135 
HIS H2   H  N N 136 
HIS HA   H  N N 137 
HIS HB2  H  N N 138 
HIS HB3  H  N N 139 
HIS HD1  H  N N 140 
HIS HD2  H  N N 141 
HIS HE1  H  N N 142 
HIS HE2  H  N N 143 
HIS HXT  H  N N 144 
HOH O    O  N N 145 
HOH H1   H  N N 146 
HOH H2   H  N N 147 
ILE N    N  N N 148 
ILE CA   C  N S 149 
ILE C    C  N N 150 
ILE O    O  N N 151 
ILE CB   C  N S 152 
ILE CG1  C  N N 153 
ILE CG2  C  N N 154 
ILE CD1  C  N N 155 
ILE OXT  O  N N 156 
ILE H    H  N N 157 
ILE H2   H  N N 158 
ILE HA   H  N N 159 
ILE HB   H  N N 160 
ILE HG12 H  N N 161 
ILE HG13 H  N N 162 
ILE HG21 H  N N 163 
ILE HG22 H  N N 164 
ILE HG23 H  N N 165 
ILE HD11 H  N N 166 
ILE HD12 H  N N 167 
ILE HD13 H  N N 168 
ILE HXT  H  N N 169 
LEU N    N  N N 170 
LEU CA   C  N S 171 
LEU C    C  N N 172 
LEU O    O  N N 173 
LEU CB   C  N N 174 
LEU CG   C  N N 175 
LEU CD1  C  N N 176 
LEU CD2  C  N N 177 
LEU OXT  O  N N 178 
LEU H    H  N N 179 
LEU H2   H  N N 180 
LEU HA   H  N N 181 
LEU HB2  H  N N 182 
LEU HB3  H  N N 183 
LEU HG   H  N N 184 
LEU HD11 H  N N 185 
LEU HD12 H  N N 186 
LEU HD13 H  N N 187 
LEU HD21 H  N N 188 
LEU HD22 H  N N 189 
LEU HD23 H  N N 190 
LEU HXT  H  N N 191 
LYS N    N  N N 192 
LYS CA   C  N S 193 
LYS C    C  N N 194 
LYS O    O  N N 195 
LYS CB   C  N N 196 
LYS CG   C  N N 197 
LYS CD   C  N N 198 
LYS CE   C  N N 199 
LYS NZ   N  N N 200 
LYS OXT  O  N N 201 
LYS H    H  N N 202 
LYS H2   H  N N 203 
LYS HA   H  N N 204 
LYS HB2  H  N N 205 
LYS HB3  H  N N 206 
LYS HG2  H  N N 207 
LYS HG3  H  N N 208 
LYS HD2  H  N N 209 
LYS HD3  H  N N 210 
LYS HE2  H  N N 211 
LYS HE3  H  N N 212 
LYS HZ1  H  N N 213 
LYS HZ2  H  N N 214 
LYS HZ3  H  N N 215 
LYS HXT  H  N N 216 
MET N    N  N N 217 
MET CA   C  N S 218 
MET C    C  N N 219 
MET O    O  N N 220 
MET CB   C  N N 221 
MET CG   C  N N 222 
MET SD   S  N N 223 
MET CE   C  N N 224 
MET OXT  O  N N 225 
MET H    H  N N 226 
MET H2   H  N N 227 
MET HA   H  N N 228 
MET HB2  H  N N 229 
MET HB3  H  N N 230 
MET HG2  H  N N 231 
MET HG3  H  N N 232 
MET HE1  H  N N 233 
MET HE2  H  N N 234 
MET HE3  H  N N 235 
MET HXT  H  N N 236 
PHE N    N  N N 237 
PHE CA   C  N S 238 
PHE C    C  N N 239 
PHE O    O  N N 240 
PHE CB   C  N N 241 
PHE CG   C  Y N 242 
PHE CD1  C  Y N 243 
PHE CD2  C  Y N 244 
PHE CE1  C  Y N 245 
PHE CE2  C  Y N 246 
PHE CZ   C  Y N 247 
PHE OXT  O  N N 248 
PHE H    H  N N 249 
PHE H2   H  N N 250 
PHE HA   H  N N 251 
PHE HB2  H  N N 252 
PHE HB3  H  N N 253 
PHE HD1  H  N N 254 
PHE HD2  H  N N 255 
PHE HE1  H  N N 256 
PHE HE2  H  N N 257 
PHE HZ   H  N N 258 
PHE HXT  H  N N 259 
PRO N    N  N N 260 
PRO CA   C  N S 261 
PRO C    C  N N 262 
PRO O    O  N N 263 
PRO CB   C  N N 264 
PRO CG   C  N N 265 
PRO CD   C  N N 266 
PRO OXT  O  N N 267 
PRO H    H  N N 268 
PRO HA   H  N N 269 
PRO HB2  H  N N 270 
PRO HB3  H  N N 271 
PRO HG2  H  N N 272 
PRO HG3  H  N N 273 
PRO HD2  H  N N 274 
PRO HD3  H  N N 275 
PRO HXT  H  N N 276 
SER N    N  N N 277 
SER CA   C  N S 278 
SER C    C  N N 279 
SER O    O  N N 280 
SER CB   C  N N 281 
SER OG   O  N N 282 
SER OXT  O  N N 283 
SER H    H  N N 284 
SER H2   H  N N 285 
SER HA   H  N N 286 
SER HB2  H  N N 287 
SER HB3  H  N N 288 
SER HG   H  N N 289 
SER HXT  H  N N 290 
SO4 S    S  N N 291 
SO4 O1   O  N N 292 
SO4 O2   O  N N 293 
SO4 O3   O  N N 294 
SO4 O4   O  N N 295 
THR N    N  N N 296 
THR CA   C  N S 297 
THR C    C  N N 298 
THR O    O  N N 299 
THR CB   C  N R 300 
THR OG1  O  N N 301 
THR CG2  C  N N 302 
THR OXT  O  N N 303 
THR H    H  N N 304 
THR H2   H  N N 305 
THR HA   H  N N 306 
THR HB   H  N N 307 
THR HG1  H  N N 308 
THR HG21 H  N N 309 
THR HG22 H  N N 310 
THR HG23 H  N N 311 
THR HXT  H  N N 312 
VAL N    N  N N 313 
VAL CA   C  N S 314 
VAL C    C  N N 315 
VAL O    O  N N 316 
VAL CB   C  N N 317 
VAL CG1  C  N N 318 
VAL CG2  C  N N 319 
VAL OXT  O  N N 320 
VAL H    H  N N 321 
VAL H2   H  N N 322 
VAL HA   H  N N 323 
VAL HB   H  N N 324 
VAL HG11 H  N N 325 
VAL HG12 H  N N 326 
VAL HG13 H  N N 327 
VAL HG21 H  N N 328 
VAL HG22 H  N N 329 
VAL HG23 H  N N 330 
VAL HXT  H  N N 331 
# 
loop_
_chem_comp_bond.comp_id 
_chem_comp_bond.atom_id_1 
_chem_comp_bond.atom_id_2 
_chem_comp_bond.value_order 
_chem_comp_bond.pdbx_aromatic_flag 
_chem_comp_bond.pdbx_stereo_config 
_chem_comp_bond.pdbx_ordinal 
ALA N   CA   sing N N 1   
ALA N   H    sing N N 2   
ALA N   H2   sing N N 3   
ALA CA  C    sing N N 4   
ALA CA  CB   sing N N 5   
ALA CA  HA   sing N N 6   
ALA C   O    doub N N 7   
ALA C   OXT  sing N N 8   
ALA CB  HB1  sing N N 9   
ALA CB  HB2  sing N N 10  
ALA CB  HB3  sing N N 11  
ALA OXT HXT  sing N N 12  
ARG N   CA   sing N N 13  
ARG N   H    sing N N 14  
ARG N   H2   sing N N 15  
ARG CA  C    sing N N 16  
ARG CA  CB   sing N N 17  
ARG CA  HA   sing N N 18  
ARG C   O    doub N N 19  
ARG C   OXT  sing N N 20  
ARG CB  CG   sing N N 21  
ARG CB  HB2  sing N N 22  
ARG CB  HB3  sing N N 23  
ARG CG  CD   sing N N 24  
ARG CG  HG2  sing N N 25  
ARG CG  HG3  sing N N 26  
ARG CD  NE   sing N N 27  
ARG CD  HD2  sing N N 28  
ARG CD  HD3  sing N N 29  
ARG NE  CZ   sing N N 30  
ARG NE  HE   sing N N 31  
ARG CZ  NH1  sing N N 32  
ARG CZ  NH2  doub N N 33  
ARG NH1 HH11 sing N N 34  
ARG NH1 HH12 sing N N 35  
ARG NH2 HH21 sing N N 36  
ARG NH2 HH22 sing N N 37  
ARG OXT HXT  sing N N 38  
ASN N   CA   sing N N 39  
ASN N   H    sing N N 40  
ASN N   H2   sing N N 41  
ASN CA  C    sing N N 42  
ASN CA  CB   sing N N 43  
ASN CA  HA   sing N N 44  
ASN C   O    doub N N 45  
ASN C   OXT  sing N N 46  
ASN CB  CG   sing N N 47  
ASN CB  HB2  sing N N 48  
ASN CB  HB3  sing N N 49  
ASN CG  OD1  doub N N 50  
ASN CG  ND2  sing N N 51  
ASN ND2 HD21 sing N N 52  
ASN ND2 HD22 sing N N 53  
ASN OXT HXT  sing N N 54  
ASP N   CA   sing N N 55  
ASP N   H    sing N N 56  
ASP N   H2   sing N N 57  
ASP CA  C    sing N N 58  
ASP CA  CB   sing N N 59  
ASP CA  HA   sing N N 60  
ASP C   O    doub N N 61  
ASP C   OXT  sing N N 62  
ASP CB  CG   sing N N 63  
ASP CB  HB2  sing N N 64  
ASP CB  HB3  sing N N 65  
ASP CG  OD1  doub N N 66  
ASP CG  OD2  sing N N 67  
ASP OD2 HD2  sing N N 68  
ASP OXT HXT  sing N N 69  
GLN N   CA   sing N N 70  
GLN N   H    sing N N 71  
GLN N   H2   sing N N 72  
GLN CA  C    sing N N 73  
GLN CA  CB   sing N N 74  
GLN CA  HA   sing N N 75  
GLN C   O    doub N N 76  
GLN C   OXT  sing N N 77  
GLN CB  CG   sing N N 78  
GLN CB  HB2  sing N N 79  
GLN CB  HB3  sing N N 80  
GLN CG  CD   sing N N 81  
GLN CG  HG2  sing N N 82  
GLN CG  HG3  sing N N 83  
GLN CD  OE1  doub N N 84  
GLN CD  NE2  sing N N 85  
GLN NE2 HE21 sing N N 86  
GLN NE2 HE22 sing N N 87  
GLN OXT HXT  sing N N 88  
GLU N   CA   sing N N 89  
GLU N   H    sing N N 90  
GLU N   H2   sing N N 91  
GLU CA  C    sing N N 92  
GLU CA  CB   sing N N 93  
GLU CA  HA   sing N N 94  
GLU C   O    doub N N 95  
GLU C   OXT  sing N N 96  
GLU CB  CG   sing N N 97  
GLU CB  HB2  sing N N 98  
GLU CB  HB3  sing N N 99  
GLU CG  CD   sing N N 100 
GLU CG  HG2  sing N N 101 
GLU CG  HG3  sing N N 102 
GLU CD  OE1  doub N N 103 
GLU CD  OE2  sing N N 104 
GLU OE2 HE2  sing N N 105 
GLU OXT HXT  sing N N 106 
GLY N   CA   sing N N 107 
GLY N   H    sing N N 108 
GLY N   H2   sing N N 109 
GLY CA  C    sing N N 110 
GLY CA  HA2  sing N N 111 
GLY CA  HA3  sing N N 112 
GLY C   O    doub N N 113 
GLY C   OXT  sing N N 114 
GLY OXT HXT  sing N N 115 
HIS N   CA   sing N N 116 
HIS N   H    sing N N 117 
HIS N   H2   sing N N 118 
HIS CA  C    sing N N 119 
HIS CA  CB   sing N N 120 
HIS CA  HA   sing N N 121 
HIS C   O    doub N N 122 
HIS C   OXT  sing N N 123 
HIS CB  CG   sing N N 124 
HIS CB  HB2  sing N N 125 
HIS CB  HB3  sing N N 126 
HIS CG  ND1  sing Y N 127 
HIS CG  CD2  doub Y N 128 
HIS ND1 CE1  doub Y N 129 
HIS ND1 HD1  sing N N 130 
HIS CD2 NE2  sing Y N 131 
HIS CD2 HD2  sing N N 132 
HIS CE1 NE2  sing Y N 133 
HIS CE1 HE1  sing N N 134 
HIS NE2 HE2  sing N N 135 
HIS OXT HXT  sing N N 136 
HOH O   H1   sing N N 137 
HOH O   H2   sing N N 138 
ILE N   CA   sing N N 139 
ILE N   H    sing N N 140 
ILE N   H2   sing N N 141 
ILE CA  C    sing N N 142 
ILE CA  CB   sing N N 143 
ILE CA  HA   sing N N 144 
ILE C   O    doub N N 145 
ILE C   OXT  sing N N 146 
ILE CB  CG1  sing N N 147 
ILE CB  CG2  sing N N 148 
ILE CB  HB   sing N N 149 
ILE CG1 CD1  sing N N 150 
ILE CG1 HG12 sing N N 151 
ILE CG1 HG13 sing N N 152 
ILE CG2 HG21 sing N N 153 
ILE CG2 HG22 sing N N 154 
ILE CG2 HG23 sing N N 155 
ILE CD1 HD11 sing N N 156 
ILE CD1 HD12 sing N N 157 
ILE CD1 HD13 sing N N 158 
ILE OXT HXT  sing N N 159 
LEU N   CA   sing N N 160 
LEU N   H    sing N N 161 
LEU N   H2   sing N N 162 
LEU CA  C    sing N N 163 
LEU CA  CB   sing N N 164 
LEU CA  HA   sing N N 165 
LEU C   O    doub N N 166 
LEU C   OXT  sing N N 167 
LEU CB  CG   sing N N 168 
LEU CB  HB2  sing N N 169 
LEU CB  HB3  sing N N 170 
LEU CG  CD1  sing N N 171 
LEU CG  CD2  sing N N 172 
LEU CG  HG   sing N N 173 
LEU CD1 HD11 sing N N 174 
LEU CD1 HD12 sing N N 175 
LEU CD1 HD13 sing N N 176 
LEU CD2 HD21 sing N N 177 
LEU CD2 HD22 sing N N 178 
LEU CD2 HD23 sing N N 179 
LEU OXT HXT  sing N N 180 
LYS N   CA   sing N N 181 
LYS N   H    sing N N 182 
LYS N   H2   sing N N 183 
LYS CA  C    sing N N 184 
LYS CA  CB   sing N N 185 
LYS CA  HA   sing N N 186 
LYS C   O    doub N N 187 
LYS C   OXT  sing N N 188 
LYS CB  CG   sing N N 189 
LYS CB  HB2  sing N N 190 
LYS CB  HB3  sing N N 191 
LYS CG  CD   sing N N 192 
LYS CG  HG2  sing N N 193 
LYS CG  HG3  sing N N 194 
LYS CD  CE   sing N N 195 
LYS CD  HD2  sing N N 196 
LYS CD  HD3  sing N N 197 
LYS CE  NZ   sing N N 198 
LYS CE  HE2  sing N N 199 
LYS CE  HE3  sing N N 200 
LYS NZ  HZ1  sing N N 201 
LYS NZ  HZ2  sing N N 202 
LYS NZ  HZ3  sing N N 203 
LYS OXT HXT  sing N N 204 
MET N   CA   sing N N 205 
MET N   H    sing N N 206 
MET N   H2   sing N N 207 
MET CA  C    sing N N 208 
MET CA  CB   sing N N 209 
MET CA  HA   sing N N 210 
MET C   O    doub N N 211 
MET C   OXT  sing N N 212 
MET CB  CG   sing N N 213 
MET CB  HB2  sing N N 214 
MET CB  HB3  sing N N 215 
MET CG  SD   sing N N 216 
MET CG  HG2  sing N N 217 
MET CG  HG3  sing N N 218 
MET SD  CE   sing N N 219 
MET CE  HE1  sing N N 220 
MET CE  HE2  sing N N 221 
MET CE  HE3  sing N N 222 
MET OXT HXT  sing N N 223 
PHE N   CA   sing N N 224 
PHE N   H    sing N N 225 
PHE N   H2   sing N N 226 
PHE CA  C    sing N N 227 
PHE CA  CB   sing N N 228 
PHE CA  HA   sing N N 229 
PHE C   O    doub N N 230 
PHE C   OXT  sing N N 231 
PHE CB  CG   sing N N 232 
PHE CB  HB2  sing N N 233 
PHE CB  HB3  sing N N 234 
PHE CG  CD1  doub Y N 235 
PHE CG  CD2  sing Y N 236 
PHE CD1 CE1  sing Y N 237 
PHE CD1 HD1  sing N N 238 
PHE CD2 CE2  doub Y N 239 
PHE CD2 HD2  sing N N 240 
PHE CE1 CZ   doub Y N 241 
PHE CE1 HE1  sing N N 242 
PHE CE2 CZ   sing Y N 243 
PHE CE2 HE2  sing N N 244 
PHE CZ  HZ   sing N N 245 
PHE OXT HXT  sing N N 246 
PRO N   CA   sing N N 247 
PRO N   CD   sing N N 248 
PRO N   H    sing N N 249 
PRO CA  C    sing N N 250 
PRO CA  CB   sing N N 251 
PRO CA  HA   sing N N 252 
PRO C   O    doub N N 253 
PRO C   OXT  sing N N 254 
PRO CB  CG   sing N N 255 
PRO CB  HB2  sing N N 256 
PRO CB  HB3  sing N N 257 
PRO CG  CD   sing N N 258 
PRO CG  HG2  sing N N 259 
PRO CG  HG3  sing N N 260 
PRO CD  HD2  sing N N 261 
PRO CD  HD3  sing N N 262 
PRO OXT HXT  sing N N 263 
SER N   CA   sing N N 264 
SER N   H    sing N N 265 
SER N   H2   sing N N 266 
SER CA  C    sing N N 267 
SER CA  CB   sing N N 268 
SER CA  HA   sing N N 269 
SER C   O    doub N N 270 
SER C   OXT  sing N N 271 
SER CB  OG   sing N N 272 
SER CB  HB2  sing N N 273 
SER CB  HB3  sing N N 274 
SER OG  HG   sing N N 275 
SER OXT HXT  sing N N 276 
SO4 S   O1   doub N N 277 
SO4 S   O2   doub N N 278 
SO4 S   O3   sing N N 279 
SO4 S   O4   sing N N 280 
THR N   CA   sing N N 281 
THR N   H    sing N N 282 
THR N   H2   sing N N 283 
THR CA  C    sing N N 284 
THR CA  CB   sing N N 285 
THR CA  HA   sing N N 286 
THR C   O    doub N N 287 
THR C   OXT  sing N N 288 
THR CB  OG1  sing N N 289 
THR CB  CG2  sing N N 290 
THR CB  HB   sing N N 291 
THR OG1 HG1  sing N N 292 
THR CG2 HG21 sing N N 293 
THR CG2 HG22 sing N N 294 
THR CG2 HG23 sing N N 295 
THR OXT HXT  sing N N 296 
VAL N   CA   sing N N 297 
VAL N   H    sing N N 298 
VAL N   H2   sing N N 299 
VAL CA  C    sing N N 300 
VAL CA  CB   sing N N 301 
VAL CA  HA   sing N N 302 
VAL C   O    doub N N 303 
VAL C   OXT  sing N N 304 
VAL CB  CG1  sing N N 305 
VAL CB  CG2  sing N N 306 
VAL CB  HB   sing N N 307 
VAL CG1 HG11 sing N N 308 
VAL CG1 HG12 sing N N 309 
VAL CG1 HG13 sing N N 310 
VAL CG2 HG21 sing N N 311 
VAL CG2 HG22 sing N N 312 
VAL CG2 HG23 sing N N 313 
VAL OXT HXT  sing N N 314 
# 
loop_
_pdbx_entity_nonpoly.entity_id 
_pdbx_entity_nonpoly.name 
_pdbx_entity_nonpoly.comp_id 
3 'CADMIUM ION' CD  
4 'SULFATE ION' SO4 
5 water         HOH 
# 
_pdbx_initial_refinement_model.id               1 
_pdbx_initial_refinement_model.entity_id_list   ? 
_pdbx_initial_refinement_model.type             'experimental model' 
_pdbx_initial_refinement_model.source_name      PDB 
_pdbx_initial_refinement_model.accession_code   1I2T 
_pdbx_initial_refinement_model.details          'pdb entry 1I2T' 
# 
